data_2NV5
#
_entry.id   2NV5
#
_cell.length_a   140.789
_cell.length_b   140.789
_cell.length_c   112.431
_cell.angle_alpha   90.000
_cell.angle_beta   90.000
_cell.angle_gamma   120.000
#
_symmetry.space_group_name_H-M   'P 61'
#
loop_
_entity.id
_entity.type
_entity.pdbx_description
1 polymer protein-tyrosine-phosphatase
2 water water
#
_entity_poly.entity_id   1
_entity_poly.type   'polypeptide(L)'
_entity_poly.pdbx_seq_one_letter_code
;MSLASHPPIPILELADHIERLKANDNLKFSQEYESIDPGQQFTWEHSNLEVNKPKNRYANVIAYDHSRVLLSAIEGIPGS
DYVNANYIDGYRKQNAYIATQGSLPETFGDFWRMIWEQRSATVVMMTKLEERSRVKCDQYWPSRGTETHGLVQVTLLDTV
ELATYCVRTFALYKNGSSEKREVRQFQFTAWPDHGVPEHPTPFLAFLRRVKTCNPPDAGPMVVHCSAGVGRTGCFIVIDA
MLERIKHEKTVDIYGHVTLMRAQRNYMVQTEDQYIFIHDALLEAVTCGNTEEGHHHHHH
;
_entity_poly.pdbx_strand_id   A,B,C
#
# COMPACT_ATOMS: atom_id res chain seq x y z
N SER A 5 -3.27 26.26 -36.63
CA SER A 5 -2.54 24.98 -36.83
C SER A 5 -3.48 23.77 -36.74
N HIS A 6 -4.73 24.02 -36.41
CA HIS A 6 -5.78 22.99 -36.50
C HIS A 6 -7.01 23.60 -37.16
N PRO A 7 -7.08 23.56 -38.51
CA PRO A 7 -8.20 24.16 -39.23
C PRO A 7 -9.37 23.17 -39.31
N PRO A 8 -10.57 23.66 -39.62
CA PRO A 8 -11.73 22.77 -39.80
C PRO A 8 -11.52 21.81 -40.96
N ILE A 9 -12.21 20.68 -40.92
CA ILE A 9 -12.02 19.64 -41.92
C ILE A 9 -13.26 19.43 -42.78
N PRO A 10 -13.17 19.77 -44.09
CA PRO A 10 -14.25 19.58 -45.04
C PRO A 10 -14.68 18.13 -44.97
N ILE A 11 -15.97 17.88 -45.10
CA ILE A 11 -16.47 16.52 -44.89
C ILE A 11 -15.89 15.49 -45.87
N LEU A 12 -15.62 15.93 -47.11
CA LEU A 12 -15.08 15.05 -48.16
C LEU A 12 -13.62 14.65 -47.94
N GLU A 13 -12.96 15.33 -47.01
CA GLU A 13 -11.57 15.09 -46.66
C GLU A 13 -11.43 14.37 -45.32
N LEU A 14 -12.57 14.18 -44.65
CA LEU A 14 -12.58 13.65 -43.28
C LEU A 14 -11.89 12.29 -43.22
N ALA A 15 -12.25 11.40 -44.16
CA ALA A 15 -11.72 10.04 -44.19
C ALA A 15 -10.19 10.02 -44.24
N ASP A 16 -9.63 10.85 -45.12
CA ASP A 16 -8.19 10.99 -45.31
C ASP A 16 -7.52 11.57 -44.07
N HIS A 17 -8.14 12.60 -43.50
CA HIS A 17 -7.72 13.19 -42.21
C HIS A 17 -7.57 12.16 -41.11
N ILE A 18 -8.61 11.35 -40.92
CA ILE A 18 -8.67 10.29 -39.92
C ILE A 18 -7.62 9.19 -40.17
N GLU A 19 -7.58 8.69 -41.41
CA GLU A 19 -6.49 7.87 -41.92
C GLU A 19 -5.11 8.37 -41.46
N ARG A 20 -4.80 9.65 -41.72
CA ARG A 20 -3.53 10.25 -41.30
C ARG A 20 -3.31 10.23 -39.77
N LEU A 21 -4.37 10.51 -39.01
CA LEU A 21 -4.28 10.50 -37.56
C LEU A 21 -4.16 9.08 -37.02
N LYS A 22 -4.66 8.10 -37.75
CA LYS A 22 -4.58 6.69 -37.33
C LYS A 22 -3.21 6.04 -37.62
N ALA A 23 -2.48 6.63 -38.57
CA ALA A 23 -1.21 6.11 -39.07
C ALA A 23 -0.21 5.89 -37.95
N ASN A 24 0.46 4.73 -38.01
CA ASN A 24 1.56 4.44 -37.11
C ASN A 24 1.03 4.33 -35.70
N ASP A 25 0.08 3.41 -35.53
CA ASP A 25 -0.63 3.18 -34.28
C ASP A 25 -1.12 4.48 -33.61
N ASN A 26 -2.03 5.17 -34.29
CA ASN A 26 -2.66 6.41 -33.79
C ASN A 26 -1.67 7.48 -33.35
N LEU A 27 -0.51 7.54 -34.00
CA LEU A 27 0.51 8.49 -33.59
C LEU A 27 0.04 9.92 -33.58
N LYS A 28 -0.54 10.36 -34.68
CA LYS A 28 -0.88 11.77 -34.85
C LYS A 28 -2.15 12.09 -34.06
N PHE A 29 -3.05 11.11 -33.99
CA PHE A 29 -4.23 11.17 -33.12
C PHE A 29 -3.85 11.48 -31.68
N SER A 30 -2.90 10.72 -31.17
CA SER A 30 -2.48 10.86 -29.77
C SER A 30 -1.76 12.20 -29.56
N GLN A 31 -1.07 12.67 -30.59
CA GLN A 31 -0.41 13.99 -30.55
C GLN A 31 -1.43 15.13 -30.53
N GLU A 32 -2.47 15.00 -31.36
CA GLU A 32 -3.51 15.99 -31.41
C GLU A 32 -4.26 16.01 -30.06
N TYR A 33 -4.74 14.86 -29.63
CA TYR A 33 -5.54 14.74 -28.42
C TYR A 33 -4.86 15.32 -27.19
N GLU A 34 -3.56 15.05 -27.03
CA GLU A 34 -2.83 15.51 -25.85
C GLU A 34 -2.49 17.01 -25.90
N SER A 35 -2.49 17.59 -27.10
CA SER A 35 -2.33 19.05 -27.27
C SER A 35 -3.53 19.92 -26.80
N ILE A 36 -4.71 19.34 -26.60
CA ILE A 36 -5.92 20.13 -26.29
C ILE A 36 -5.76 20.91 -24.99
N ASP A 37 -5.97 22.22 -25.06
CA ASP A 37 -5.71 23.12 -23.95
C ASP A 37 -6.50 24.42 -24.14
N PRO A 38 -7.54 24.63 -23.31
CA PRO A 38 -8.37 25.84 -23.37
C PRO A 38 -7.58 27.11 -23.16
N GLY A 39 -6.40 26.99 -22.56
CA GLY A 39 -5.56 28.16 -22.33
C GLY A 39 -6.07 29.16 -21.32
N GLN A 40 -6.91 28.71 -20.39
CA GLN A 40 -7.44 29.57 -19.34
C GLN A 40 -7.24 29.02 -17.92
N GLN A 41 -7.44 29.88 -16.94
CA GLN A 41 -7.36 29.51 -15.54
C GLN A 41 -8.80 29.49 -15.03
N PHE A 42 -9.08 28.54 -14.15
CA PHE A 42 -10.39 28.33 -13.61
C PHE A 42 -10.33 28.35 -12.08
N THR A 43 -11.50 28.44 -11.45
CA THR A 43 -11.58 28.24 -10.03
C THR A 43 -12.70 27.20 -9.83
N TRP A 44 -12.73 26.57 -8.67
CA TRP A 44 -13.73 25.55 -8.35
C TRP A 44 -13.92 25.59 -6.85
N GLU A 45 -14.04 26.82 -6.35
CA GLU A 45 -14.26 27.03 -4.96
C GLU A 45 -15.53 26.41 -4.42
N HIS A 46 -16.63 26.50 -5.15
CA HIS A 46 -17.85 25.85 -4.67
C HIS A 46 -17.78 24.34 -4.52
N SER A 47 -17.14 23.67 -5.47
CA SER A 47 -17.03 22.22 -5.46
C SER A 47 -16.26 21.74 -4.24
N ASN A 48 -15.40 22.61 -3.73
CA ASN A 48 -14.46 22.27 -2.65
C ASN A 48 -14.94 22.66 -1.28
N LEU A 49 -16.08 23.33 -1.19
CA LEU A 49 -16.67 23.64 0.12
C LEU A 49 -16.96 22.40 0.92
N GLU A 50 -16.65 22.43 2.22
CA GLU A 50 -16.93 21.28 3.07
C GLU A 50 -18.34 20.72 2.86
N VAL A 51 -19.35 21.60 2.79
CA VAL A 51 -20.74 21.14 2.61
C VAL A 51 -21.02 20.50 1.26
N ASN A 52 -20.22 20.84 0.27
CA ASN A 52 -20.47 20.37 -1.09
C ASN A 52 -19.67 19.14 -1.46
N LYS A 53 -18.59 18.87 -0.71
CA LYS A 53 -17.79 17.68 -0.95
C LYS A 53 -18.59 16.36 -1.10
N PRO A 54 -19.54 16.04 -0.17
CA PRO A 54 -20.34 14.81 -0.37
C PRO A 54 -21.26 14.86 -1.60
N LYS A 55 -21.37 16.03 -2.24
CA LYS A 55 -22.23 16.18 -3.38
C LYS A 55 -21.50 15.83 -4.67
N ASN A 56 -20.21 15.55 -4.58
CA ASN A 56 -19.40 15.17 -5.74
C ASN A 56 -19.23 13.64 -5.78
N ARG A 57 -19.62 13.01 -6.89
CA ARG A 57 -19.45 11.54 -7.00
C ARG A 57 -17.96 11.17 -6.96
N TYR A 58 -17.16 11.91 -7.74
CA TYR A 58 -15.71 11.78 -7.81
C TYR A 58 -15.12 13.10 -7.35
N ALA A 59 -14.34 13.08 -6.27
CA ALA A 59 -13.78 14.34 -5.75
C ALA A 59 -12.86 15.02 -6.76
N ASN A 60 -12.32 14.23 -7.70
CA ASN A 60 -11.42 14.72 -8.70
C ASN A 60 -12.17 15.20 -9.94
N VAL A 61 -13.50 15.07 -9.94
CA VAL A 61 -14.27 15.63 -11.06
C VAL A 61 -15.15 16.75 -10.48
N ILE A 62 -14.71 17.98 -10.70
CA ILE A 62 -15.39 19.12 -10.09
C ILE A 62 -16.07 20.01 -11.16
N ALA A 63 -16.79 21.02 -10.69
CA ALA A 63 -17.49 21.98 -11.58
C ALA A 63 -16.82 23.35 -11.53
N TYR A 64 -16.27 23.81 -12.64
CA TYR A 64 -15.67 25.15 -12.67
C TYR A 64 -16.71 26.20 -12.32
N ASP A 65 -16.31 27.15 -11.47
CA ASP A 65 -17.23 28.18 -10.96
C ASP A 65 -17.93 29.00 -12.05
N HIS A 66 -17.20 29.38 -13.09
CA HIS A 66 -17.68 30.32 -14.09
C HIS A 66 -18.80 29.73 -14.95
N SER A 67 -18.84 28.41 -15.09
CA SER A 67 -19.80 27.77 -15.96
C SER A 67 -20.78 26.85 -15.22
N ARG A 68 -20.69 26.78 -13.89
CA ARG A 68 -21.51 25.87 -13.11
C ARG A 68 -22.98 26.28 -13.16
N VAL A 69 -23.85 25.28 -13.06
CA VAL A 69 -25.28 25.50 -12.97
C VAL A 69 -25.56 25.82 -11.52
N LEU A 70 -26.26 26.92 -11.27
CA LEU A 70 -26.63 27.25 -9.91
C LEU A 70 -28.06 26.82 -9.60
N LEU A 71 -28.28 26.24 -8.42
CA LEU A 71 -29.66 26.06 -7.93
C LEU A 71 -30.00 27.32 -7.17
N SER A 72 -31.27 27.69 -7.14
CA SER A 72 -31.62 28.81 -6.25
C SER A 72 -31.30 28.44 -4.81
N ALA A 73 -30.82 29.42 -4.06
CA ALA A 73 -30.48 29.21 -2.66
C ALA A 73 -31.70 28.90 -1.81
N ILE A 74 -31.53 27.98 -0.86
CA ILE A 74 -32.53 27.79 0.18
C ILE A 74 -32.10 28.54 1.45
N GLU A 75 -33.01 29.36 1.96
CA GLU A 75 -32.75 30.22 3.10
C GLU A 75 -32.31 29.39 4.29
N GLY A 76 -31.17 29.76 4.87
CA GLY A 76 -30.67 29.02 6.03
C GLY A 76 -30.00 27.69 5.75
N ILE A 77 -29.80 27.33 4.47
CA ILE A 77 -29.07 26.12 4.16
C ILE A 77 -27.82 26.46 3.32
N PRO A 78 -26.65 26.57 3.99
CA PRO A 78 -25.41 26.85 3.25
C PRO A 78 -25.13 25.74 2.23
N GLY A 79 -24.57 26.12 1.09
CA GLY A 79 -24.28 25.19 0.02
C GLY A 79 -25.47 24.77 -0.83
N SER A 80 -26.68 25.24 -0.48
CA SER A 80 -27.91 24.85 -1.24
C SER A 80 -27.93 25.25 -2.71
N ASP A 81 -27.06 26.17 -3.15
CA ASP A 81 -27.00 26.50 -4.61
C ASP A 81 -26.21 25.52 -5.48
N TYR A 82 -25.58 24.52 -4.87
CA TYR A 82 -24.58 23.74 -5.56
C TYR A 82 -25.09 22.44 -6.15
N VAL A 83 -24.73 22.21 -7.41
CA VAL A 83 -24.85 20.91 -8.06
C VAL A 83 -23.56 20.68 -8.93
N ASN A 84 -23.03 19.44 -8.95
CA ASN A 84 -21.87 19.16 -9.79
C ASN A 84 -22.30 19.05 -11.24
N ALA A 85 -22.31 20.19 -11.94
CA ALA A 85 -22.96 20.32 -13.26
C ALA A 85 -22.44 21.61 -13.85
N ASN A 86 -22.19 21.61 -15.16
CA ASN A 86 -21.78 22.81 -15.89
C ASN A 86 -22.55 22.94 -17.18
N TYR A 87 -22.80 24.18 -17.58
CA TYR A 87 -23.36 24.42 -18.91
C TYR A 87 -22.30 24.18 -19.96
N ILE A 88 -22.70 23.63 -21.11
CA ILE A 88 -21.79 23.38 -22.19
C ILE A 88 -22.40 23.96 -23.47
N ASP A 89 -21.60 24.66 -24.27
CA ASP A 89 -22.14 25.20 -25.55
C ASP A 89 -22.34 24.11 -26.62
N GLY A 90 -23.28 24.34 -27.53
CA GLY A 90 -23.40 23.52 -28.72
C GLY A 90 -22.85 24.27 -29.92
N TYR A 91 -23.20 23.82 -31.13
CA TYR A 91 -22.79 24.53 -32.33
C TYR A 91 -23.72 25.74 -32.52
N ARG A 92 -23.14 26.92 -32.49
CA ARG A 92 -23.93 28.16 -32.54
C ARG A 92 -25.08 28.19 -31.53
N LYS A 93 -24.86 27.61 -30.33
CA LYS A 93 -25.90 27.54 -29.29
C LYS A 93 -25.17 27.77 -27.99
N GLN A 94 -25.75 28.63 -27.16
CA GLN A 94 -25.12 29.00 -25.91
C GLN A 94 -25.74 28.14 -24.83
N ASN A 95 -24.91 27.51 -24.00
CA ASN A 95 -25.42 26.77 -22.86
C ASN A 95 -26.48 25.74 -23.25
N ALA A 96 -26.27 25.05 -24.36
CA ALA A 96 -27.27 24.17 -24.96
C ALA A 96 -27.49 22.89 -24.14
N TYR A 97 -26.46 22.48 -23.40
CA TYR A 97 -26.49 21.28 -22.60
C TYR A 97 -26.07 21.58 -21.18
N ILE A 98 -26.49 20.70 -20.30
CA ILE A 98 -25.90 20.59 -18.95
C ILE A 98 -25.19 19.26 -18.85
N ALA A 99 -23.88 19.30 -18.62
CA ALA A 99 -23.10 18.07 -18.39
C ALA A 99 -23.00 17.90 -16.88
N THR A 100 -23.43 16.74 -16.41
CA THR A 100 -23.42 16.51 -14.99
C THR A 100 -23.13 15.06 -14.67
N GLN A 101 -22.76 14.79 -13.41
CA GLN A 101 -22.47 13.43 -12.95
C GLN A 101 -23.78 12.65 -12.75
N GLY A 102 -23.67 11.35 -12.63
CA GLY A 102 -24.79 10.52 -12.17
C GLY A 102 -25.09 10.90 -10.74
N SER A 103 -26.35 11.19 -10.47
CA SER A 103 -26.67 11.71 -9.17
C SER A 103 -26.52 10.64 -8.06
N LEU A 104 -26.35 11.15 -6.85
CA LEU A 104 -26.13 10.35 -5.66
C LEU A 104 -27.40 10.35 -4.82
N PRO A 105 -27.57 9.37 -3.90
CA PRO A 105 -28.75 9.44 -3.02
C PRO A 105 -28.87 10.80 -2.38
N GLU A 106 -27.75 11.37 -1.99
CA GLU A 106 -27.82 12.64 -1.29
C GLU A 106 -28.19 13.80 -2.25
N THR A 107 -28.08 13.59 -3.55
CA THR A 107 -28.35 14.71 -4.50
C THR A 107 -29.52 14.45 -5.46
N PHE A 108 -30.26 13.34 -5.27
CA PHE A 108 -31.45 13.13 -6.11
C PHE A 108 -32.34 14.38 -6.06
N GLY A 109 -32.53 14.95 -4.85
CA GLY A 109 -33.34 16.14 -4.67
C GLY A 109 -32.84 17.31 -5.52
N ASP A 110 -31.53 17.60 -5.38
CA ASP A 110 -30.86 18.65 -6.15
C ASP A 110 -30.96 18.42 -7.67
N PHE A 111 -30.87 17.17 -8.10
CA PHE A 111 -30.91 16.83 -9.52
C PHE A 111 -32.27 17.20 -10.13
N TRP A 112 -33.33 16.77 -9.47
CA TRP A 112 -34.69 17.09 -9.96
C TRP A 112 -35.02 18.59 -9.86
N ARG A 113 -34.53 19.23 -8.81
CA ARG A 113 -34.74 20.67 -8.67
C ARG A 113 -34.04 21.46 -9.76
N MET A 114 -32.87 20.99 -10.18
CA MET A 114 -32.14 21.55 -11.30
C MET A 114 -32.96 21.37 -12.59
N ILE A 115 -33.44 20.16 -12.84
CA ILE A 115 -34.34 19.91 -13.97
C ILE A 115 -35.50 20.89 -13.99
N TRP A 116 -36.13 21.08 -12.84
CA TRP A 116 -37.27 21.97 -12.74
C TRP A 116 -36.87 23.40 -13.01
N GLU A 117 -35.91 23.89 -12.23
CA GLU A 117 -35.47 25.28 -12.31
C GLU A 117 -34.86 25.64 -13.66
N GLN A 118 -34.26 24.67 -14.34
CA GLN A 118 -33.60 24.98 -15.62
C GLN A 118 -34.53 24.83 -16.82
N ARG A 119 -35.75 24.39 -16.53
CA ARG A 119 -36.81 24.17 -17.51
C ARG A 119 -36.41 23.16 -18.59
N SER A 120 -35.60 22.17 -18.21
CA SER A 120 -35.12 21.17 -19.15
C SER A 120 -36.26 20.21 -19.42
N ALA A 121 -36.30 19.70 -20.65
CA ALA A 121 -37.33 18.79 -21.09
C ALA A 121 -36.76 17.39 -21.30
N THR A 122 -35.43 17.31 -21.46
CA THR A 122 -34.76 16.07 -21.87
C THR A 122 -33.54 15.80 -20.99
N VAL A 123 -33.46 14.55 -20.53
CA VAL A 123 -32.31 13.99 -19.82
C VAL A 123 -31.75 12.83 -20.65
N VAL A 124 -30.45 12.87 -20.92
CA VAL A 124 -29.78 11.80 -21.64
C VAL A 124 -28.85 11.11 -20.64
N MET A 125 -29.13 9.83 -20.40
CA MET A 125 -28.32 9.01 -19.49
C MET A 125 -27.48 8.08 -20.35
N MET A 126 -26.16 8.24 -20.25
CA MET A 126 -25.22 7.54 -21.15
C MET A 126 -24.62 6.25 -20.55
N THR A 127 -25.36 5.58 -19.65
CA THR A 127 -24.84 4.45 -18.89
C THR A 127 -25.95 3.54 -18.30
N LYS A 128 -25.63 2.27 -18.03
CA LYS A 128 -26.47 1.42 -17.18
C LYS A 128 -26.20 1.80 -15.74
N LEU A 129 -27.11 1.49 -14.83
CA LEU A 129 -26.94 1.76 -13.41
C LEU A 129 -25.71 1.05 -12.86
N GLU A 130 -25.52 -0.20 -13.26
CA GLU A 130 -24.35 -1.02 -12.89
C GLU A 130 -23.78 -1.66 -14.15
N GLU A 131 -22.45 -1.66 -14.25
CA GLU A 131 -21.74 -2.32 -15.34
C GLU A 131 -20.51 -2.95 -14.72
N ARG A 132 -20.21 -4.21 -15.11
CA ARG A 132 -19.06 -4.99 -14.59
C ARG A 132 -19.05 -5.06 -13.04
N SER A 133 -20.25 -5.10 -12.45
CA SER A 133 -20.45 -5.14 -10.98
C SER A 133 -19.99 -3.88 -10.24
N ARG A 134 -19.98 -2.75 -10.94
CA ARG A 134 -19.66 -1.47 -10.34
C ARG A 134 -20.77 -0.47 -10.61
N VAL A 135 -21.23 0.22 -9.56
CA VAL A 135 -22.28 1.23 -9.71
C VAL A 135 -21.71 2.41 -10.47
N LYS A 136 -22.34 2.72 -11.59
CA LYS A 136 -22.01 3.91 -12.38
C LYS A 136 -22.93 5.08 -12.03
N CYS A 137 -24.14 4.78 -11.60
CA CYS A 137 -25.14 5.80 -11.29
C CYS A 137 -26.12 5.19 -10.30
N ASP A 138 -26.72 6.02 -9.46
CA ASP A 138 -27.77 5.56 -8.55
C ASP A 138 -29.15 5.90 -9.13
N GLN A 139 -30.13 5.04 -8.88
CA GLN A 139 -31.45 5.22 -9.48
C GLN A 139 -32.20 6.39 -8.87
N TYR A 140 -32.22 7.49 -9.62
CA TYR A 140 -32.79 8.72 -9.14
C TYR A 140 -34.26 8.89 -9.53
N TRP A 141 -34.80 7.91 -10.24
CA TRP A 141 -36.17 7.96 -10.74
C TRP A 141 -36.99 6.75 -10.23
N PRO A 142 -38.32 6.89 -10.20
CA PRO A 142 -39.14 5.77 -9.72
C PRO A 142 -39.31 4.67 -10.76
N SER A 143 -39.11 3.42 -10.34
CA SER A 143 -39.41 2.26 -11.19
C SER A 143 -40.90 2.17 -11.56
N ARG A 144 -41.76 2.67 -10.66
CA ARG A 144 -43.19 2.77 -10.89
C ARG A 144 -43.79 3.80 -9.96
N GLY A 145 -44.89 4.41 -10.39
CA GLY A 145 -45.62 5.32 -9.54
C GLY A 145 -44.92 6.65 -9.30
N THR A 146 -45.10 7.16 -8.09
CA THR A 146 -44.64 8.49 -7.73
C THR A 146 -43.63 8.41 -6.58
N GLU A 147 -42.62 9.29 -6.65
CA GLU A 147 -41.55 9.38 -5.67
C GLU A 147 -41.31 10.85 -5.35
N THR A 148 -41.08 11.20 -4.10
CA THR A 148 -40.77 12.58 -3.74
C THR A 148 -39.25 12.76 -3.55
N HIS A 149 -38.68 13.76 -4.23
CA HIS A 149 -37.25 14.08 -4.13
C HIS A 149 -37.06 15.52 -3.69
N GLY A 150 -36.61 15.68 -2.45
CA GLY A 150 -36.53 17.01 -1.85
C GLY A 150 -37.85 17.74 -2.01
N LEU A 151 -37.87 18.76 -2.87
CA LEU A 151 -39.09 19.55 -3.14
C LEU A 151 -39.97 19.05 -4.30
N VAL A 152 -39.51 18.05 -5.04
CA VAL A 152 -40.19 17.68 -6.29
C VAL A 152 -40.78 16.27 -6.25
N GLN A 153 -42.05 16.16 -6.61
CA GLN A 153 -42.68 14.86 -6.82
C GLN A 153 -42.50 14.46 -8.26
N VAL A 154 -42.02 13.23 -8.45
CA VAL A 154 -41.73 12.74 -9.78
C VAL A 154 -42.58 11.49 -10.00
N THR A 155 -43.34 11.46 -11.10
CA THR A 155 -44.19 10.31 -11.43
C THR A 155 -43.75 9.68 -12.74
N LEU A 156 -43.48 8.37 -12.73
CA LEU A 156 -43.18 7.69 -13.99
C LEU A 156 -44.47 7.47 -14.78
N LEU A 157 -44.51 7.95 -16.02
CA LEU A 157 -45.75 7.87 -16.81
C LEU A 157 -45.74 6.72 -17.78
N ASP A 158 -44.56 6.42 -18.32
CA ASP A 158 -44.47 5.62 -19.50
C ASP A 158 -43.05 5.17 -19.69
N THR A 159 -42.88 3.93 -20.13
CA THR A 159 -41.57 3.38 -20.42
C THR A 159 -41.64 2.62 -21.75
N VAL A 160 -40.66 2.89 -22.62
CA VAL A 160 -40.47 2.17 -23.86
C VAL A 160 -39.08 1.55 -23.83
N GLU A 161 -39.01 0.23 -23.74
CA GLU A 161 -37.74 -0.49 -23.73
C GLU A 161 -37.41 -1.03 -25.11
N LEU A 162 -36.25 -0.64 -25.63
CA LEU A 162 -35.77 -1.18 -26.89
C LEU A 162 -34.46 -1.90 -26.62
N ALA A 163 -33.82 -2.39 -27.68
CA ALA A 163 -32.65 -3.26 -27.54
C ALA A 163 -31.46 -2.49 -27.00
N THR A 164 -31.30 -1.26 -27.48
CA THR A 164 -30.12 -0.45 -27.17
C THR A 164 -30.38 0.74 -26.26
N TYR A 165 -31.65 1.03 -25.98
CA TYR A 165 -32.00 2.12 -25.05
C TYR A 165 -33.42 2.03 -24.57
N CYS A 166 -33.68 2.82 -23.53
CA CYS A 166 -35.02 2.94 -22.95
CA CYS A 166 -34.99 2.93 -22.92
C CYS A 166 -35.41 4.39 -22.99
N VAL A 167 -36.71 4.65 -23.04
CA VAL A 167 -37.20 6.00 -22.92
C VAL A 167 -38.24 5.99 -21.80
N ARG A 168 -38.04 6.84 -20.79
CA ARG A 168 -39.03 7.02 -19.74
C ARG A 168 -39.59 8.42 -19.74
N THR A 169 -40.90 8.55 -19.56
CA THR A 169 -41.50 9.88 -19.49
C THR A 169 -41.96 10.15 -18.06
N PHE A 170 -41.71 11.37 -17.57
CA PHE A 170 -42.08 11.72 -16.21
C PHE A 170 -42.92 12.96 -16.13
N ALA A 171 -43.68 13.06 -15.04
CA ALA A 171 -44.42 14.26 -14.69
C ALA A 171 -43.85 14.76 -13.39
N LEU A 172 -43.54 16.06 -13.36
CA LEU A 172 -43.01 16.70 -12.15
C LEU A 172 -43.98 17.71 -11.60
N TYR A 173 -44.11 17.76 -10.28
CA TYR A 173 -44.79 18.84 -9.56
C TYR A 173 -43.86 19.36 -8.49
N LYS A 174 -43.92 20.66 -8.21
CA LYS A 174 -43.06 21.26 -7.18
C LYS A 174 -43.88 21.67 -5.97
N ASN A 175 -43.27 21.59 -4.80
CA ASN A 175 -43.91 22.03 -3.57
C ASN A 175 -44.18 23.54 -3.59
N GLY A 176 -45.47 23.88 -3.68
CA GLY A 176 -45.91 25.28 -3.63
C GLY A 176 -46.44 25.80 -4.95
N SER A 177 -46.05 25.12 -6.03
CA SER A 177 -46.49 25.47 -7.37
C SER A 177 -47.63 24.55 -7.81
N SER A 178 -48.36 25.01 -8.85
CA SER A 178 -49.39 24.20 -9.48
C SER A 178 -49.02 23.73 -10.90
N GLU A 179 -47.84 24.11 -11.39
CA GLU A 179 -47.37 23.71 -12.73
C GLU A 179 -47.16 22.22 -12.81
N LYS A 180 -47.43 21.65 -13.99
CA LYS A 180 -46.93 20.33 -14.32
C LYS A 180 -45.81 20.50 -15.33
N ARG A 181 -44.68 19.81 -15.10
CA ARG A 181 -43.62 19.72 -16.10
C ARG A 181 -43.49 18.29 -16.57
N GLU A 182 -43.15 18.15 -17.85
CA GLU A 182 -42.96 16.87 -18.45
C GLU A 182 -41.47 16.73 -18.81
N VAL A 183 -40.90 15.58 -18.47
CA VAL A 183 -39.50 15.29 -18.76
C VAL A 183 -39.39 13.89 -19.34
N ARG A 184 -38.64 13.75 -20.44
CA ARG A 184 -38.21 12.41 -20.82
C ARG A 184 -36.74 12.14 -20.70
N GLN A 185 -36.49 10.93 -20.25
CA GLN A 185 -35.18 10.43 -20.07
C GLN A 185 -34.89 9.41 -21.15
N PHE A 186 -33.77 9.60 -21.85
CA PHE A 186 -33.27 8.66 -22.82
C PHE A 186 -32.04 7.99 -22.28
N GLN A 187 -32.17 6.72 -21.94
CA GLN A 187 -31.04 5.99 -21.42
C GLN A 187 -30.46 5.08 -22.46
N PHE A 188 -29.25 5.37 -22.92
CA PHE A 188 -28.53 4.48 -23.80
C PHE A 188 -27.98 3.33 -22.96
N THR A 189 -28.30 2.09 -23.35
CA THR A 189 -27.90 0.89 -22.60
C THR A 189 -26.86 -0.01 -23.30
N ALA A 190 -26.41 0.39 -24.49
CA ALA A 190 -25.52 -0.44 -25.32
C ALA A 190 -24.06 0.00 -25.36
N TRP A 191 -23.64 0.96 -24.54
CA TRP A 191 -22.21 1.26 -24.47
C TRP A 191 -21.50 0.09 -23.72
N PRO A 192 -20.36 -0.40 -24.25
CA PRO A 192 -19.72 -1.57 -23.60
C PRO A 192 -19.16 -1.34 -22.20
N ASP A 193 -18.99 -2.42 -21.45
CA ASP A 193 -18.37 -2.40 -20.12
C ASP A 193 -16.96 -1.80 -20.16
N HIS A 194 -16.24 -2.12 -21.23
CA HIS A 194 -14.88 -1.65 -21.43
C HIS A 194 -14.75 -0.98 -22.80
N GLY A 195 -14.13 0.19 -22.80
CA GLY A 195 -13.78 0.88 -24.04
C GLY A 195 -14.99 1.53 -24.67
N VAL A 196 -14.90 1.77 -25.98
CA VAL A 196 -15.93 2.48 -26.73
C VAL A 196 -16.69 1.48 -27.62
N PRO A 197 -17.94 1.82 -28.07
CA PRO A 197 -18.64 0.91 -29.00
C PRO A 197 -17.78 0.43 -30.16
N GLU A 198 -18.00 -0.83 -30.53
CA GLU A 198 -17.34 -1.47 -31.64
C GLU A 198 -17.76 -0.72 -32.90
N HIS A 199 -19.05 -0.43 -33.00
CA HIS A 199 -19.56 0.35 -34.12
C HIS A 199 -20.37 1.57 -33.64
N PRO A 200 -20.26 2.70 -34.35
CA PRO A 200 -21.03 3.91 -34.04
C PRO A 200 -22.51 3.82 -34.35
N THR A 201 -22.92 2.74 -35.03
CA THR A 201 -24.25 2.68 -35.62
C THR A 201 -25.41 2.81 -34.64
N PRO A 202 -25.41 1.99 -33.57
CA PRO A 202 -26.47 2.11 -32.57
C PRO A 202 -26.49 3.46 -31.83
N PHE A 203 -25.32 4.01 -31.53
CA PHE A 203 -25.28 5.28 -30.84
C PHE A 203 -25.91 6.38 -31.70
N LEU A 204 -25.49 6.44 -32.96
CA LEU A 204 -26.03 7.43 -33.91
C LEU A 204 -27.54 7.37 -34.02
N ALA A 205 -28.09 6.16 -33.98
CA ALA A 205 -29.51 5.99 -34.07
C ALA A 205 -30.16 6.50 -32.80
N PHE A 206 -29.53 6.24 -31.66
CA PHE A 206 -30.01 6.71 -30.37
C PHE A 206 -30.11 8.23 -30.42
N LEU A 207 -29.05 8.85 -30.90
CA LEU A 207 -28.97 10.30 -30.96
C LEU A 207 -30.05 10.94 -31.85
N ARG A 208 -30.35 10.31 -33.00
CA ARG A 208 -31.43 10.80 -33.86
C ARG A 208 -32.71 10.78 -33.08
N ARG A 209 -32.96 9.68 -32.40
CA ARG A 209 -34.18 9.55 -31.62
C ARG A 209 -34.30 10.69 -30.57
N VAL A 210 -33.24 10.93 -29.81
CA VAL A 210 -33.19 12.03 -28.85
C VAL A 210 -33.53 13.36 -29.52
N LYS A 211 -32.87 13.64 -30.65
CA LYS A 211 -33.01 14.93 -31.31
C LYS A 211 -34.40 15.19 -31.88
N THR A 212 -35.14 14.13 -32.22
CA THR A 212 -36.48 14.30 -32.74
C THR A 212 -37.46 14.57 -31.61
N CYS A 213 -37.05 14.24 -30.37
CA CYS A 213 -37.93 14.45 -29.22
C CYS A 213 -37.59 15.60 -28.28
N ASN A 214 -36.56 16.39 -28.59
CA ASN A 214 -36.28 17.55 -27.74
C ASN A 214 -36.99 18.76 -28.35
N PRO A 215 -37.97 19.31 -27.61
CA PRO A 215 -38.70 20.48 -28.09
C PRO A 215 -37.72 21.64 -28.34
N PRO A 216 -38.03 22.48 -29.33
CA PRO A 216 -37.14 23.58 -29.74
C PRO A 216 -37.17 24.75 -28.74
N ASP A 217 -38.02 24.65 -27.73
CA ASP A 217 -38.38 25.76 -26.84
C ASP A 217 -38.02 25.52 -25.35
N ALA A 218 -37.29 24.46 -25.10
CA ALA A 218 -37.01 24.06 -23.73
C ALA A 218 -35.65 24.63 -23.23
N GLY A 219 -35.38 24.50 -21.93
CA GLY A 219 -34.05 24.81 -21.36
C GLY A 219 -33.00 23.82 -21.86
N PRO A 220 -31.77 23.89 -21.32
CA PRO A 220 -30.68 23.02 -21.80
C PRO A 220 -30.99 21.52 -21.64
N MET A 221 -30.54 20.71 -22.60
CA MET A 221 -30.68 19.25 -22.48
C MET A 221 -29.70 18.74 -21.41
N VAL A 222 -30.18 17.96 -20.43
CA VAL A 222 -29.28 17.39 -19.40
C VAL A 222 -28.65 16.12 -19.93
N VAL A 223 -27.32 16.07 -19.93
CA VAL A 223 -26.59 14.87 -20.33
C VAL A 223 -25.74 14.39 -19.13
N HIS A 224 -25.82 13.09 -18.85
CA HIS A 224 -25.07 12.52 -17.73
C HIS A 224 -24.63 11.08 -17.94
N CYS A 225 -23.48 10.76 -17.39
CA CYS A 225 -22.96 9.39 -17.33
C CYS A 225 -22.60 9.11 -15.85
N SER A 226 -21.36 8.71 -15.57
CA SER A 226 -20.97 8.49 -14.19
C SER A 226 -20.41 9.82 -13.62
N ALA A 227 -19.35 10.33 -14.23
CA ALA A 227 -18.75 11.59 -13.76
C ALA A 227 -19.18 12.79 -14.62
N GLY A 228 -19.89 12.52 -15.71
CA GLY A 228 -20.35 13.59 -16.57
C GLY A 228 -19.27 14.24 -17.42
N VAL A 229 -18.25 13.46 -17.77
CA VAL A 229 -17.13 13.97 -18.60
C VAL A 229 -16.71 13.08 -19.80
N GLY A 230 -16.86 11.76 -19.68
CA GLY A 230 -16.42 10.87 -20.76
C GLY A 230 -17.50 10.63 -21.81
N ARG A 231 -18.40 9.69 -21.55
CA ARG A 231 -19.47 9.40 -22.51
C ARG A 231 -20.35 10.64 -22.72
N THR A 232 -20.50 11.45 -21.67
CA THR A 232 -21.21 12.75 -21.79
C THR A 232 -20.58 13.65 -22.86
N GLY A 233 -19.26 13.75 -22.84
CA GLY A 233 -18.52 14.59 -23.76
C GLY A 233 -18.70 14.09 -25.18
N CYS A 234 -18.73 12.78 -25.34
CA CYS A 234 -18.92 12.15 -26.64
C CYS A 234 -20.31 12.48 -27.21
N PHE A 235 -21.34 12.33 -26.39
CA PHE A 235 -22.69 12.66 -26.84
C PHE A 235 -22.72 14.09 -27.34
N ILE A 236 -22.20 15.00 -26.51
CA ILE A 236 -22.28 16.42 -26.77
C ILE A 236 -21.50 16.82 -28.01
N VAL A 237 -20.29 16.30 -28.17
CA VAL A 237 -19.48 16.70 -29.32
C VAL A 237 -20.05 16.16 -30.62
N ILE A 238 -20.53 14.92 -30.59
CA ILE A 238 -21.10 14.31 -31.79
C ILE A 238 -22.37 15.05 -32.23
N ASP A 239 -23.27 15.33 -31.28
CA ASP A 239 -24.46 16.11 -31.57
C ASP A 239 -24.11 17.47 -32.20
N ALA A 240 -23.16 18.17 -31.62
CA ALA A 240 -22.82 19.52 -32.10
C ALA A 240 -22.21 19.46 -33.50
N MET A 241 -21.36 18.47 -33.71
CA MET A 241 -20.62 18.35 -34.95
C MET A 241 -21.52 17.95 -36.11
N LEU A 242 -22.56 17.19 -35.81
CA LEU A 242 -23.57 16.81 -36.80
C LEU A 242 -24.34 18.04 -37.26
N GLU A 243 -24.66 18.94 -36.33
CA GLU A 243 -25.33 20.20 -36.65
C GLU A 243 -24.39 21.08 -37.47
N ARG A 244 -23.09 21.03 -37.15
CA ARG A 244 -22.08 21.75 -37.91
C ARG A 244 -22.00 21.26 -39.36
N ILE A 245 -22.01 19.95 -39.52
CA ILE A 245 -21.99 19.35 -40.87
C ILE A 245 -23.24 19.77 -41.68
N LYS A 246 -24.39 19.80 -41.04
CA LYS A 246 -25.65 20.21 -41.68
C LYS A 246 -25.58 21.66 -42.17
N HIS A 247 -24.87 22.51 -41.42
CA HIS A 247 -24.82 23.93 -41.71
C HIS A 247 -23.67 24.34 -42.62
N GLU A 248 -22.51 23.69 -42.45
CA GLU A 248 -21.24 24.22 -42.96
C GLU A 248 -20.44 23.27 -43.82
N LYS A 249 -20.81 21.98 -43.80
CA LYS A 249 -20.02 20.88 -44.41
C LYS A 249 -18.54 20.82 -43.99
N THR A 250 -18.29 21.06 -42.71
CA THR A 250 -16.96 20.90 -42.13
C THR A 250 -17.12 20.29 -40.74
N VAL A 251 -16.06 19.64 -40.25
CA VAL A 251 -15.96 19.36 -38.81
C VAL A 251 -14.77 20.12 -38.19
N ASP A 252 -14.95 20.63 -36.97
CA ASP A 252 -13.79 21.01 -36.17
C ASP A 252 -13.90 20.43 -34.77
N ILE A 253 -13.72 19.12 -34.70
CA ILE A 253 -13.74 18.35 -33.46
C ILE A 253 -12.70 18.87 -32.46
N TYR A 254 -11.50 19.10 -32.95
CA TYR A 254 -10.43 19.63 -32.11
C TYR A 254 -10.86 20.96 -31.43
N GLY A 255 -11.35 21.90 -32.25
CA GLY A 255 -11.75 23.20 -31.74
C GLY A 255 -12.91 23.14 -30.76
N HIS A 256 -13.87 22.28 -31.02
CA HIS A 256 -14.98 22.12 -30.10
C HIS A 256 -14.60 21.49 -28.75
N VAL A 257 -13.73 20.50 -28.76
CA VAL A 257 -13.31 19.86 -27.51
C VAL A 257 -12.53 20.86 -26.67
N THR A 258 -11.67 21.66 -27.32
CA THR A 258 -10.98 22.75 -26.64
C THR A 258 -11.99 23.68 -25.97
N LEU A 259 -13.08 23.99 -26.67
CA LEU A 259 -14.11 24.88 -26.13
C LEU A 259 -14.81 24.23 -24.95
N MET A 260 -15.12 22.94 -25.08
CA MET A 260 -15.83 22.25 -24.00
C MET A 260 -14.95 22.09 -22.73
N ARG A 261 -13.65 21.94 -22.92
CA ARG A 261 -12.69 21.90 -21.80
C ARG A 261 -12.63 23.19 -21.02
N ALA A 262 -13.00 24.31 -21.64
CA ALA A 262 -13.09 25.57 -20.91
C ALA A 262 -14.35 25.64 -20.03
N GLN A 263 -15.28 24.70 -20.26
CA GLN A 263 -16.54 24.73 -19.52
C GLN A 263 -16.65 23.69 -18.43
N ARG A 264 -15.96 22.56 -18.61
CA ARG A 264 -15.97 21.47 -17.61
C ARG A 264 -14.70 20.63 -17.75
N ASN A 265 -14.09 20.27 -16.62
CA ASN A 265 -12.84 19.52 -16.65
C ASN A 265 -13.00 18.19 -17.39
N TYR A 266 -12.00 17.85 -18.20
CA TYR A 266 -11.79 16.51 -18.76
C TYR A 266 -12.75 16.09 -19.86
N MET A 267 -13.64 17.00 -20.32
CA MET A 267 -14.61 16.63 -21.37
C MET A 267 -13.94 15.87 -22.52
N VAL A 268 -14.48 14.69 -22.83
CA VAL A 268 -13.81 13.67 -23.70
C VAL A 268 -12.54 13.18 -22.95
N GLN A 269 -12.76 12.20 -22.08
CA GLN A 269 -11.81 11.88 -21.02
C GLN A 269 -10.68 10.97 -21.46
N THR A 270 -10.90 10.22 -22.54
CA THR A 270 -9.88 9.31 -23.07
C THR A 270 -9.64 9.55 -24.56
N GLU A 271 -8.43 9.18 -25.01
CA GLU A 271 -8.09 9.20 -26.42
C GLU A 271 -9.00 8.31 -27.24
N ASP A 272 -9.43 7.20 -26.66
CA ASP A 272 -10.30 6.28 -27.38
C ASP A 272 -11.68 6.89 -27.61
N GLN A 273 -12.14 7.70 -26.66
CA GLN A 273 -13.36 8.46 -26.83
C GLN A 273 -13.17 9.49 -27.94
N TYR A 274 -12.03 10.16 -27.93
CA TYR A 274 -11.70 11.13 -29.01
C TYR A 274 -11.77 10.46 -30.38
N ILE A 275 -11.15 9.28 -30.49
CA ILE A 275 -11.19 8.53 -31.73
C ILE A 275 -12.59 8.09 -32.13
N PHE A 276 -13.39 7.63 -31.17
CA PHE A 276 -14.75 7.18 -31.46
C PHE A 276 -15.64 8.31 -32.02
N ILE A 277 -15.38 9.54 -31.57
CA ILE A 277 -16.12 10.71 -32.04
C ILE A 277 -15.84 10.91 -33.53
N HIS A 278 -14.57 10.76 -33.92
CA HIS A 278 -14.21 10.80 -35.34
C HIS A 278 -14.90 9.67 -36.11
N ASP A 279 -14.75 8.44 -35.64
CA ASP A 279 -15.42 7.28 -36.27
C ASP A 279 -16.91 7.46 -36.48
N ALA A 280 -17.63 7.85 -35.43
CA ALA A 280 -19.09 8.09 -35.48
C ALA A 280 -19.47 9.15 -36.52
N LEU A 281 -18.67 10.20 -36.59
CA LEU A 281 -18.93 11.30 -37.49
C LEU A 281 -18.63 10.92 -38.94
N LEU A 282 -17.55 10.19 -39.17
CA LEU A 282 -17.26 9.65 -40.49
C LEU A 282 -18.37 8.72 -40.97
N GLU A 283 -18.87 7.84 -40.12
CA GLU A 283 -20.00 7.00 -40.50
C GLU A 283 -21.20 7.84 -40.90
N ALA A 284 -21.50 8.88 -40.14
CA ALA A 284 -22.65 9.72 -40.44
C ALA A 284 -22.51 10.42 -41.78
N VAL A 285 -21.31 10.85 -42.15
CA VAL A 285 -21.11 11.51 -43.45
C VAL A 285 -21.25 10.51 -44.62
N THR A 286 -20.59 9.36 -44.50
CA THR A 286 -20.78 8.24 -45.43
C THR A 286 -22.17 7.63 -45.21
N CYS A 287 -23.19 8.49 -45.21
CA CYS A 287 -24.62 8.13 -45.09
C CYS A 287 -25.49 9.21 -45.73
N SER B 5 9.13 36.17 -9.89
CA SER B 5 10.56 36.03 -9.44
C SER B 5 11.03 34.58 -9.50
N HIS B 6 10.10 33.68 -9.77
CA HIS B 6 10.43 32.27 -10.00
C HIS B 6 9.70 31.81 -11.26
N PRO B 7 10.20 32.20 -12.44
CA PRO B 7 9.51 31.78 -13.66
C PRO B 7 9.69 30.28 -13.94
N PRO B 8 8.82 29.69 -14.76
CA PRO B 8 9.01 28.29 -15.15
C PRO B 8 10.34 28.08 -15.89
N ILE B 9 10.87 26.87 -15.85
CA ILE B 9 12.16 26.60 -16.44
C ILE B 9 12.04 25.74 -17.70
N PRO B 10 12.45 26.27 -18.87
CA PRO B 10 12.40 25.46 -20.09
C PRO B 10 13.29 24.24 -19.90
N ILE B 11 12.86 23.08 -20.38
CA ILE B 11 13.58 21.85 -20.12
C ILE B 11 15.02 21.87 -20.65
N LEU B 12 15.27 22.70 -21.66
CA LEU B 12 16.62 22.78 -22.23
C LEU B 12 17.58 23.54 -21.32
N GLU B 13 17.01 24.33 -20.40
CA GLU B 13 17.76 25.09 -19.41
C GLU B 13 17.84 24.42 -18.03
N LEU B 14 17.16 23.29 -17.87
CA LEU B 14 17.02 22.70 -16.57
C LEU B 14 18.35 22.33 -15.93
N ALA B 15 19.23 21.69 -16.70
CA ALA B 15 20.52 21.25 -16.16
C ALA B 15 21.30 22.39 -15.58
N ASP B 16 21.38 23.50 -16.31
CA ASP B 16 22.14 24.67 -15.85
C ASP B 16 21.46 25.37 -14.67
N HIS B 17 20.13 25.38 -14.68
CA HIS B 17 19.34 25.91 -13.55
C HIS B 17 19.72 25.21 -12.23
N ILE B 18 19.74 23.89 -12.27
CA ILE B 18 20.12 23.03 -11.12
C ILE B 18 21.58 23.20 -10.68
N GLU B 19 22.50 23.18 -11.65
CA GLU B 19 23.93 23.50 -11.39
C GLU B 19 24.05 24.80 -10.58
N ARG B 20 23.33 25.83 -10.99
CA ARG B 20 23.28 27.13 -10.31
C ARG B 20 22.74 27.04 -8.86
N LEU B 21 21.69 26.22 -8.69
CA LEU B 21 21.11 25.98 -7.36
C LEU B 21 22.02 25.16 -6.46
N LYS B 22 22.78 24.24 -7.07
CA LYS B 22 23.68 23.35 -6.34
C LYS B 22 25.03 24.00 -5.94
N ALA B 23 25.38 25.07 -6.62
CA ALA B 23 26.64 25.80 -6.36
C ALA B 23 26.78 26.21 -4.90
N ASN B 24 28.02 26.14 -4.41
CA ASN B 24 28.34 26.64 -3.09
C ASN B 24 27.58 25.90 -2.02
N ASP B 25 27.66 24.58 -2.13
CA ASP B 25 27.00 23.63 -1.23
C ASP B 25 25.50 23.93 -1.12
N ASN B 26 24.84 24.01 -2.27
CA ASN B 26 23.40 24.20 -2.39
C ASN B 26 22.92 25.54 -1.85
N LEU B 27 23.74 26.58 -1.99
CA LEU B 27 23.43 27.87 -1.39
C LEU B 27 22.08 28.38 -1.87
N LYS B 28 21.90 28.44 -3.18
CA LYS B 28 20.69 28.99 -3.76
C LYS B 28 19.51 28.00 -3.67
N PHE B 29 19.80 26.69 -3.77
CA PHE B 29 18.80 25.68 -3.47
C PHE B 29 18.14 25.95 -2.13
N SER B 30 18.96 26.13 -1.09
CA SER B 30 18.48 26.34 0.28
C SER B 30 17.64 27.57 0.38
N GLN B 31 18.04 28.60 -0.35
CA GLN B 31 17.36 29.88 -0.34
C GLN B 31 16.01 29.77 -1.00
N GLU B 32 15.98 29.06 -2.11
CA GLU B 32 14.75 28.85 -2.82
C GLU B 32 13.79 28.05 -1.96
N TYR B 33 14.26 26.90 -1.47
CA TYR B 33 13.44 26.03 -0.67
C TYR B 33 12.87 26.77 0.57
N GLU B 34 13.71 27.51 1.29
CA GLU B 34 13.26 28.22 2.51
C GLU B 34 12.19 29.27 2.19
N SER B 35 12.23 29.82 0.96
CA SER B 35 11.29 30.85 0.54
C SER B 35 9.87 30.34 0.24
N ILE B 36 9.69 29.02 0.13
CA ILE B 36 8.37 28.48 -0.28
C ILE B 36 7.29 28.90 0.74
N ASP B 37 6.21 29.52 0.26
CA ASP B 37 5.20 30.11 1.15
C ASP B 37 3.89 30.31 0.41
N PRO B 38 2.85 29.52 0.74
CA PRO B 38 1.57 29.68 0.05
C PRO B 38 0.84 30.99 0.36
N GLY B 39 1.32 31.74 1.34
CA GLY B 39 0.70 33.01 1.65
C GLY B 39 -0.79 32.95 1.98
N GLN B 40 -1.20 31.92 2.72
CA GLN B 40 -2.55 31.87 3.26
C GLN B 40 -2.62 31.34 4.68
N GLN B 41 -3.78 31.51 5.29
CA GLN B 41 -3.98 31.15 6.67
C GLN B 41 -4.87 29.93 6.64
N PHE B 42 -4.63 29.00 7.54
CA PHE B 42 -5.34 27.74 7.57
C PHE B 42 -6.00 27.51 8.90
N THR B 43 -6.91 26.56 8.94
CA THR B 43 -7.39 26.06 10.19
C THR B 43 -7.24 24.55 10.19
N TRP B 44 -7.23 23.97 11.37
CA TRP B 44 -7.13 22.52 11.48
C TRP B 44 -7.94 22.08 12.71
N GLU B 45 -9.16 22.60 12.79
CA GLU B 45 -10.01 22.30 13.93
C GLU B 45 -10.35 20.82 14.05
N HIS B 46 -10.66 20.17 12.95
CA HIS B 46 -11.04 18.76 13.07
C HIS B 46 -9.90 17.86 13.54
N SER B 47 -8.69 18.16 13.07
CA SER B 47 -7.50 17.41 13.48
C SER B 47 -7.26 17.53 14.98
N ASN B 48 -7.67 18.66 15.56
CA ASN B 48 -7.38 18.91 16.97
CA ASN B 48 -7.43 18.95 16.96
C ASN B 48 -8.51 18.50 17.93
N LEU B 49 -9.64 17.99 17.41
CA LEU B 49 -10.71 17.51 18.29
C LEU B 49 -10.19 16.37 19.14
N GLU B 50 -10.58 16.33 20.42
CA GLU B 50 -10.13 15.29 21.36
C GLU B 50 -10.32 13.91 20.79
N VAL B 51 -11.45 13.69 20.13
CA VAL B 51 -11.78 12.38 19.59
C VAL B 51 -10.87 12.02 18.39
N ASN B 52 -10.33 13.04 17.73
CA ASN B 52 -9.56 12.84 16.52
C ASN B 52 -8.05 12.81 16.78
N LYS B 53 -7.59 13.41 17.89
CA LYS B 53 -6.15 13.36 18.22
C LYS B 53 -5.49 11.97 18.08
N PRO B 54 -6.08 10.88 18.66
CA PRO B 54 -5.38 9.60 18.44
C PRO B 54 -5.43 9.06 17.01
N LYS B 55 -6.16 9.74 16.11
CA LYS B 55 -6.25 9.31 14.73
C LYS B 55 -5.10 9.90 13.89
N ASN B 56 -4.24 10.69 14.54
CA ASN B 56 -3.11 11.33 13.90
C ASN B 56 -1.86 10.60 14.34
N ARG B 57 -1.11 10.05 13.38
CA ARG B 57 0.09 9.31 13.70
C ARG B 57 1.10 10.22 14.39
N TYR B 58 1.27 11.43 13.86
CA TYR B 58 2.12 12.43 14.45
C TYR B 58 1.23 13.61 14.82
N ALA B 59 1.22 14.00 16.10
CA ALA B 59 0.42 15.17 16.48
C ALA B 59 0.74 16.42 15.67
N ASN B 60 1.99 16.55 15.23
CA ASN B 60 2.46 17.74 14.55
C ASN B 60 2.18 17.70 13.05
N VAL B 61 1.59 16.63 12.57
CA VAL B 61 1.26 16.54 11.15
C VAL B 61 -0.25 16.39 11.08
N ILE B 62 -0.89 17.50 10.74
CA ILE B 62 -2.36 17.54 10.72
C ILE B 62 -2.92 17.75 9.31
N ALA B 63 -4.25 17.78 9.21
CA ALA B 63 -4.93 17.96 7.92
C ALA B 63 -5.68 19.28 7.93
N TYR B 64 -5.31 20.21 7.06
CA TYR B 64 -6.01 21.49 6.98
C TYR B 64 -7.48 21.31 6.65
N ASP B 65 -8.35 22.10 7.31
CA ASP B 65 -9.80 21.89 7.21
C ASP B 65 -10.32 22.07 5.79
N HIS B 66 -9.78 23.05 5.07
CA HIS B 66 -10.35 23.41 3.73
C HIS B 66 -10.16 22.33 2.66
N SER B 67 -9.11 21.51 2.81
CA SER B 67 -8.70 20.52 1.80
C SER B 67 -8.82 19.07 2.33
N ARG B 68 -9.28 18.90 3.57
CA ARG B 68 -9.33 17.55 4.15
C ARG B 68 -10.33 16.64 3.41
N VAL B 69 -10.00 15.34 3.41
CA VAL B 69 -10.87 14.33 2.89
C VAL B 69 -11.89 14.00 3.99
N LEU B 70 -13.15 14.08 3.67
CA LEU B 70 -14.19 13.69 4.64
C LEU B 70 -14.71 12.30 4.41
N LEU B 71 -14.90 11.55 5.50
CA LEU B 71 -15.65 10.31 5.49
C LEU B 71 -17.10 10.66 5.79
N SER B 72 -18.04 9.91 5.25
CA SER B 72 -19.43 10.17 5.57
C SER B 72 -19.62 9.94 7.07
N ALA B 73 -20.37 10.81 7.73
CA ALA B 73 -20.63 10.70 9.17
C ALA B 73 -21.36 9.42 9.54
N ILE B 74 -21.07 8.90 10.72
CA ILE B 74 -21.78 7.73 11.23
C ILE B 74 -22.67 8.18 12.39
N GLU B 75 -23.96 7.84 12.30
CA GLU B 75 -24.94 8.24 13.30
C GLU B 75 -24.48 7.95 14.73
N GLY B 76 -24.54 8.95 15.58
CA GLY B 76 -24.19 8.76 16.98
C GLY B 76 -22.72 8.61 17.32
N ILE B 77 -21.83 8.80 16.33
CA ILE B 77 -20.39 8.73 16.57
C ILE B 77 -19.67 10.06 16.22
N PRO B 78 -19.47 10.91 17.25
CA PRO B 78 -18.69 12.14 17.10
C PRO B 78 -17.36 11.85 16.40
N GLY B 79 -16.99 12.71 15.45
CA GLY B 79 -15.67 12.66 14.82
C GLY B 79 -15.51 11.56 13.77
N SER B 80 -16.61 10.89 13.46
CA SER B 80 -16.58 9.79 12.48
C SER B 80 -16.35 10.25 11.02
N ASP B 81 -16.38 11.54 10.76
CA ASP B 81 -16.06 12.04 9.42
C ASP B 81 -14.53 12.21 9.18
N TYR B 82 -13.71 11.93 10.19
CA TYR B 82 -12.33 12.39 10.13
C TYR B 82 -11.34 11.33 9.68
N VAL B 83 -10.50 11.72 8.73
CA VAL B 83 -9.26 11.03 8.43
C VAL B 83 -8.10 12.05 8.25
N ASN B 84 -6.88 11.72 8.69
CA ASN B 84 -5.74 12.61 8.48
C ASN B 84 -5.29 12.42 7.03
N ALA B 85 -5.87 13.22 6.13
CA ALA B 85 -5.69 13.09 4.68
C ALA B 85 -6.18 14.37 4.03
N ASN B 86 -5.52 14.80 2.95
CA ASN B 86 -5.97 15.96 2.18
C ASN B 86 -5.93 15.63 0.69
N TYR B 87 -6.85 16.24 -0.05
CA TYR B 87 -6.83 16.25 -1.50
C TYR B 87 -5.69 17.15 -1.98
N ILE B 88 -4.98 16.69 -3.02
CA ILE B 88 -3.87 17.42 -3.59
C ILE B 88 -4.09 17.49 -5.12
N ASP B 89 -3.89 18.66 -5.70
CA ASP B 89 -4.02 18.82 -7.16
C ASP B 89 -2.84 18.23 -7.93
N GLY B 90 -3.06 17.84 -9.18
CA GLY B 90 -2.00 17.48 -10.11
C GLY B 90 -1.84 18.57 -11.15
N TYR B 91 -1.15 18.25 -12.25
CA TYR B 91 -1.01 19.16 -13.37
C TYR B 91 -2.32 19.19 -14.17
N ARG B 92 -2.99 20.35 -14.15
CA ARG B 92 -4.31 20.51 -14.75
C ARG B 92 -5.32 19.44 -14.31
N LYS B 93 -5.22 19.01 -13.05
CA LYS B 93 -6.13 18.04 -12.47
C LYS B 93 -6.43 18.52 -11.08
N GLN B 94 -7.71 18.45 -10.73
CA GLN B 94 -8.21 18.91 -9.47
C GLN B 94 -8.30 17.70 -8.55
N ASN B 95 -7.81 17.82 -7.32
CA ASN B 95 -7.95 16.75 -6.32
C ASN B 95 -7.56 15.40 -6.89
N ALA B 96 -6.50 15.39 -7.68
CA ALA B 96 -6.05 14.17 -8.38
C ALA B 96 -5.53 13.08 -7.43
N TYR B 97 -5.01 13.50 -6.27
CA TYR B 97 -4.44 12.62 -5.28
C TYR B 97 -5.03 12.88 -3.92
N ILE B 98 -4.94 11.86 -3.09
CA ILE B 98 -5.15 12.02 -1.67
C ILE B 98 -3.82 11.74 -0.99
N ALA B 99 -3.28 12.73 -0.27
CA ALA B 99 -2.09 12.50 0.55
C ALA B 99 -2.49 12.20 2.00
N THR B 100 -2.02 11.06 2.52
CA THR B 100 -2.41 10.66 3.84
C THR B 100 -1.29 9.95 4.59
N GLN B 101 -1.39 9.91 5.93
CA GLN B 101 -0.41 9.20 6.77
C GLN B 101 -0.58 7.68 6.57
N GLY B 102 0.43 6.93 6.99
CA GLY B 102 0.31 5.47 7.07
C GLY B 102 -0.68 5.19 8.20
N SER B 103 -1.66 4.36 7.92
CA SER B 103 -2.78 4.23 8.86
C SER B 103 -2.38 3.51 10.13
N LEU B 104 -3.16 3.72 11.19
CA LEU B 104 -2.90 3.11 12.48
C LEU B 104 -3.88 1.95 12.69
N PRO B 105 -3.58 1.04 13.63
CA PRO B 105 -4.60 0.00 13.95
C PRO B 105 -6.00 0.55 14.14
N GLU B 106 -6.12 1.68 14.83
CA GLU B 106 -7.39 2.28 15.11
C GLU B 106 -8.03 2.97 13.89
N THR B 107 -7.27 3.22 12.82
CA THR B 107 -7.82 3.90 11.63
C THR B 107 -7.80 3.04 10.36
N PHE B 108 -7.45 1.75 10.48
CA PHE B 108 -7.57 0.82 9.33
C PHE B 108 -8.93 0.89 8.70
N GLY B 109 -9.98 0.81 9.51
CA GLY B 109 -11.36 0.86 9.03
C GLY B 109 -11.65 2.15 8.31
N ASP B 110 -11.24 3.27 8.90
CA ASP B 110 -11.31 4.60 8.26
C ASP B 110 -10.61 4.63 6.90
N PHE B 111 -9.40 4.08 6.85
CA PHE B 111 -8.57 4.10 5.64
C PHE B 111 -9.27 3.37 4.49
N TRP B 112 -9.76 2.16 4.75
CA TRP B 112 -10.49 1.42 3.73
C TRP B 112 -11.86 2.01 3.41
N ARG B 113 -12.51 2.60 4.40
CA ARG B 113 -13.75 3.30 4.12
C ARG B 113 -13.55 4.50 3.18
N MET B 114 -12.44 5.22 3.36
CA MET B 114 -12.02 6.33 2.48
C MET B 114 -11.80 5.80 1.06
N ILE B 115 -11.06 4.71 0.94
CA ILE B 115 -10.78 4.11 -0.37
C ILE B 115 -12.09 3.81 -1.08
N TRP B 116 -13.01 3.17 -0.35
CA TRP B 116 -14.32 2.82 -0.87
C TRP B 116 -15.13 4.05 -1.27
N GLU B 117 -15.32 4.98 -0.35
CA GLU B 117 -16.15 6.16 -0.61
C GLU B 117 -15.56 7.12 -1.68
N GLN B 118 -14.24 7.15 -1.81
CA GLN B 118 -13.60 8.03 -2.80
C GLN B 118 -13.48 7.41 -4.16
N ARG B 119 -13.83 6.14 -4.22
CA ARG B 119 -13.78 5.37 -5.45
C ARG B 119 -12.37 5.32 -6.02
N SER B 120 -11.37 5.30 -5.14
CA SER B 120 -9.97 5.18 -5.57
C SER B 120 -9.67 3.77 -6.08
N ALA B 121 -8.81 3.69 -7.09
CA ALA B 121 -8.41 2.43 -7.66
C ALA B 121 -6.98 2.07 -7.30
N THR B 122 -6.19 3.06 -6.90
CA THR B 122 -4.75 2.92 -6.74
C THR B 122 -4.33 3.55 -5.41
N VAL B 123 -3.47 2.82 -4.70
CA VAL B 123 -2.86 3.27 -3.45
C VAL B 123 -1.35 3.14 -3.68
N VAL B 124 -0.62 4.22 -3.40
CA VAL B 124 0.83 4.25 -3.55
C VAL B 124 1.41 4.38 -2.17
N MET B 125 2.18 3.37 -1.77
CA MET B 125 2.82 3.32 -0.45
C MET B 125 4.30 3.57 -0.64
N MET B 126 4.80 4.66 -0.07
CA MET B 126 6.15 5.11 -0.32
C MET B 126 7.11 4.71 0.79
N THR B 127 6.83 3.60 1.47
CA THR B 127 7.61 3.21 2.65
C THR B 127 7.55 1.69 2.87
N LYS B 128 8.55 1.18 3.58
CA LYS B 128 8.46 -0.16 4.19
C LYS B 128 7.69 0.00 5.48
N LEU B 129 7.16 -1.10 6.02
CA LEU B 129 6.44 -1.05 7.28
C LEU B 129 7.35 -0.67 8.43
N GLU B 130 8.60 -1.14 8.38
CA GLU B 130 9.58 -0.81 9.39
C GLU B 130 10.85 -0.32 8.75
N GLU B 131 11.41 0.73 9.33
CA GLU B 131 12.65 1.33 8.85
C GLU B 131 13.45 1.82 10.03
N ARG B 132 14.77 1.80 9.82
CA ARG B 132 15.79 2.03 10.85
C ARG B 132 15.31 1.58 12.21
N SER B 133 14.79 0.34 12.24
CA SER B 133 14.18 -0.21 13.44
C SER B 133 13.21 0.80 14.07
N ARG B 134 11.96 0.79 13.58
CA ARG B 134 10.84 1.64 14.06
C ARG B 134 9.67 1.43 13.08
N VAL B 135 8.46 1.26 13.59
CA VAL B 135 7.28 1.20 12.74
C VAL B 135 7.13 2.53 11.99
N LYS B 136 7.03 2.46 10.66
CA LYS B 136 6.65 3.64 9.85
C LYS B 136 5.18 3.60 9.45
N CYS B 137 4.63 2.40 9.33
CA CYS B 137 3.22 2.25 8.95
C CYS B 137 2.81 0.88 9.50
N ASP B 138 1.57 0.74 9.93
CA ASP B 138 1.07 -0.54 10.40
C ASP B 138 0.39 -1.24 9.22
N GLN B 139 0.42 -2.57 9.23
CA GLN B 139 -0.05 -3.34 8.06
C GLN B 139 -1.56 -3.37 8.04
N TYR B 140 -2.11 -2.58 7.12
CA TYR B 140 -3.53 -2.40 7.01
C TYR B 140 -4.18 -3.37 6.05
N TRP B 141 -3.39 -4.22 5.41
CA TRP B 141 -3.92 -5.16 4.39
C TRP B 141 -3.60 -6.63 4.78
N PRO B 142 -4.38 -7.60 4.25
CA PRO B 142 -4.12 -9.03 4.58
C PRO B 142 -2.91 -9.59 3.85
N SER B 143 -2.06 -10.30 4.59
CA SER B 143 -0.92 -11.00 3.98
C SER B 143 -1.37 -12.15 3.08
N ARG B 144 -2.56 -12.69 3.38
CA ARG B 144 -3.13 -13.80 2.64
C ARG B 144 -4.61 -13.80 2.94
N GLY B 145 -5.42 -14.09 1.93
CA GLY B 145 -6.85 -14.26 2.14
C GLY B 145 -7.62 -12.98 2.36
N THR B 146 -8.65 -13.06 3.21
CA THR B 146 -9.58 -11.97 3.45
C THR B 146 -9.56 -11.45 4.90
N GLU B 147 -9.86 -10.16 5.06
CA GLU B 147 -9.78 -9.43 6.32
C GLU B 147 -10.92 -8.41 6.29
N THR B 148 -11.62 -8.24 7.40
CA THR B 148 -12.66 -7.23 7.48
C THR B 148 -12.21 -6.00 8.27
N HIS B 149 -12.48 -4.83 7.69
CA HIS B 149 -12.17 -3.56 8.32
C HIS B 149 -13.46 -2.74 8.31
N GLY B 150 -14.06 -2.59 9.49
CA GLY B 150 -15.38 -1.98 9.59
C GLY B 150 -16.39 -2.71 8.71
N LEU B 151 -16.89 -2.04 7.68
CA LEU B 151 -17.89 -2.65 6.81
C LEU B 151 -17.26 -3.18 5.51
N VAL B 152 -15.94 -3.02 5.43
CA VAL B 152 -15.22 -3.35 4.19
C VAL B 152 -14.46 -4.67 4.32
N GLN B 153 -14.65 -5.51 3.32
CA GLN B 153 -14.00 -6.77 3.23
C GLN B 153 -12.88 -6.65 2.19
N VAL B 154 -11.67 -6.99 2.63
CA VAL B 154 -10.48 -6.85 1.80
C VAL B 154 -9.83 -8.22 1.56
N THR B 155 -9.74 -8.60 0.28
CA THR B 155 -9.13 -9.87 -0.10
C THR B 155 -7.92 -9.69 -0.97
N LEU B 156 -6.80 -10.26 -0.56
CA LEU B 156 -5.62 -10.22 -1.40
C LEU B 156 -5.71 -11.22 -2.55
N LEU B 157 -5.60 -10.75 -3.78
CA LEU B 157 -5.73 -11.59 -4.95
C LEU B 157 -4.43 -11.96 -5.63
N ASP B 158 -3.46 -11.04 -5.62
CA ASP B 158 -2.25 -11.16 -6.42
C ASP B 158 -1.16 -10.32 -5.78
N THR B 159 0.07 -10.85 -5.77
CA THR B 159 1.23 -10.13 -5.31
C THR B 159 2.32 -10.34 -6.36
N VAL B 160 2.91 -9.23 -6.80
CA VAL B 160 4.06 -9.25 -7.69
C VAL B 160 5.20 -8.57 -6.96
N GLU B 161 6.26 -9.31 -6.68
CA GLU B 161 7.34 -8.80 -5.86
C GLU B 161 8.57 -8.58 -6.73
N LEU B 162 9.08 -7.36 -6.76
CA LEU B 162 10.23 -7.03 -7.58
C LEU B 162 11.32 -6.52 -6.67
N ALA B 163 12.51 -6.30 -7.23
CA ALA B 163 13.64 -5.88 -6.43
C ALA B 163 13.33 -4.59 -5.65
N THR B 164 12.67 -3.63 -6.28
CA THR B 164 12.52 -2.27 -5.71
C THR B 164 11.08 -1.87 -5.38
N TYR B 165 10.14 -2.75 -5.72
CA TYR B 165 8.75 -2.53 -5.37
C TYR B 165 7.90 -3.78 -5.40
N CYS B 166 6.75 -3.70 -4.74
CA CYS B 166 5.75 -4.78 -4.72
CA CYS B 166 5.77 -4.77 -4.71
C CYS B 166 4.47 -4.21 -5.26
N VAL B 167 3.67 -5.05 -5.92
CA VAL B 167 2.33 -4.64 -6.36
C VAL B 167 1.31 -5.67 -5.84
N ARG B 168 0.35 -5.23 -5.03
CA ARG B 168 -0.69 -6.11 -4.51
C ARG B 168 -2.04 -5.75 -5.08
N THR B 169 -2.79 -6.76 -5.51
CA THR B 169 -4.15 -6.53 -6.03
C THR B 169 -5.17 -7.04 -5.02
N PHE B 170 -6.15 -6.19 -4.69
CA PHE B 170 -7.19 -6.55 -3.73
C PHE B 170 -8.57 -6.46 -4.35
N ALA B 171 -9.45 -7.34 -3.87
CA ALA B 171 -10.89 -7.24 -4.11
C ALA B 171 -11.51 -6.63 -2.88
N LEU B 172 -12.34 -5.61 -3.09
CA LEU B 172 -13.08 -4.94 -2.02
C LEU B 172 -14.58 -5.25 -2.09
N TYR B 173 -15.15 -5.59 -0.94
CA TYR B 173 -16.59 -5.81 -0.79
C TYR B 173 -17.09 -5.02 0.40
N LYS B 174 -18.23 -4.37 0.23
CA LYS B 174 -18.87 -3.64 1.30
C LYS B 174 -20.09 -4.47 1.70
N ASN B 175 -20.33 -4.54 3.01
CA ASN B 175 -21.48 -5.28 3.54
C ASN B 175 -22.77 -4.49 3.29
N GLY B 176 -23.76 -5.16 2.73
CA GLY B 176 -25.01 -4.51 2.34
C GLY B 176 -24.90 -3.82 0.99
N SER B 177 -24.05 -4.40 0.13
CA SER B 177 -23.88 -3.93 -1.25
C SER B 177 -23.46 -5.10 -2.14
N SER B 178 -23.76 -4.99 -3.44
CA SER B 178 -23.38 -6.03 -4.39
C SER B 178 -22.11 -5.69 -5.20
N GLU B 179 -21.60 -4.46 -5.03
CA GLU B 179 -20.39 -4.04 -5.73
C GLU B 179 -19.15 -4.83 -5.31
N LYS B 180 -18.35 -5.20 -6.30
CA LYS B 180 -16.97 -5.59 -6.08
C LYS B 180 -16.06 -4.53 -6.70
N ARG B 181 -15.19 -3.96 -5.87
CA ARG B 181 -14.16 -3.02 -6.33
C ARG B 181 -12.80 -3.70 -6.36
N GLU B 182 -11.98 -3.29 -7.32
CA GLU B 182 -10.59 -3.70 -7.42
C GLU B 182 -9.69 -2.52 -7.01
N VAL B 183 -8.73 -2.80 -6.12
CA VAL B 183 -7.75 -1.81 -5.69
C VAL B 183 -6.34 -2.40 -5.83
N ARG B 184 -5.43 -1.62 -6.41
CA ARG B 184 -4.02 -2.05 -6.46
C ARG B 184 -3.17 -1.18 -5.59
N GLN B 185 -2.31 -1.84 -4.84
CA GLN B 185 -1.36 -1.18 -3.97
C GLN B 185 0.02 -1.34 -4.57
N PHE B 186 0.71 -0.20 -4.79
CA PHE B 186 2.05 -0.16 -5.31
C PHE B 186 2.94 0.30 -4.17
N GLN B 187 3.74 -0.62 -3.61
CA GLN B 187 4.60 -0.27 -2.50
C GLN B 187 6.05 -0.14 -2.96
N PHE B 188 6.58 1.07 -2.96
CA PHE B 188 7.98 1.26 -3.29
C PHE B 188 8.79 0.90 -2.06
N THR B 189 9.77 0.02 -2.23
CA THR B 189 10.53 -0.53 -1.09
C THR B 189 12.01 -0.08 -1.11
N ALA B 190 12.38 0.69 -2.13
CA ALA B 190 13.77 1.07 -2.34
C ALA B 190 14.14 2.47 -1.87
N TRP B 191 13.28 3.13 -1.07
CA TRP B 191 13.69 4.42 -0.54
C TRP B 191 14.59 4.15 0.67
N PRO B 192 15.75 4.83 0.76
CA PRO B 192 16.66 4.49 1.84
C PRO B 192 16.08 4.79 3.24
N ASP B 193 16.67 4.19 4.28
CA ASP B 193 16.21 4.37 5.66
C ASP B 193 16.47 5.76 6.24
N HIS B 194 17.39 6.50 5.62
CA HIS B 194 17.62 7.91 5.90
C HIS B 194 18.01 8.59 4.60
N GLY B 195 17.60 9.85 4.44
CA GLY B 195 17.91 10.62 3.23
C GLY B 195 17.13 10.14 2.02
N VAL B 196 17.57 10.59 0.84
CA VAL B 196 16.92 10.29 -0.43
C VAL B 196 17.65 9.18 -1.24
N PRO B 197 16.99 8.58 -2.27
CA PRO B 197 17.68 7.58 -3.09
C PRO B 197 18.99 8.09 -3.73
N GLU B 198 19.95 7.16 -3.83
CA GLU B 198 21.23 7.44 -4.48
C GLU B 198 20.97 7.90 -5.91
N HIS B 199 20.08 7.22 -6.62
CA HIS B 199 19.74 7.59 -7.98
C HIS B 199 18.22 7.64 -8.14
N PRO B 200 17.71 8.50 -9.06
CA PRO B 200 16.26 8.56 -9.33
C PRO B 200 15.75 7.42 -10.19
N THR B 201 16.64 6.67 -10.84
CA THR B 201 16.22 5.64 -11.80
C THR B 201 15.15 4.65 -11.31
N PRO B 202 15.40 3.94 -10.19
CA PRO B 202 14.37 3.02 -9.70
C PRO B 202 13.04 3.70 -9.41
N PHE B 203 13.11 4.91 -8.86
CA PHE B 203 11.86 5.56 -8.51
C PHE B 203 11.09 5.91 -9.78
N LEU B 204 11.79 6.46 -10.78
CA LEU B 204 11.14 6.80 -12.03
C LEU B 204 10.47 5.59 -12.73
N ALA B 205 11.14 4.43 -12.70
CA ALA B 205 10.56 3.20 -13.20
C ALA B 205 9.29 2.82 -12.44
N PHE B 206 9.30 2.97 -11.11
CA PHE B 206 8.14 2.64 -10.28
C PHE B 206 6.99 3.53 -10.69
N LEU B 207 7.26 4.83 -10.77
CA LEU B 207 6.24 5.80 -11.20
C LEU B 207 5.61 5.46 -12.59
N ARG B 208 6.43 5.11 -13.60
CA ARG B 208 5.88 4.64 -14.87
C ARG B 208 4.90 3.49 -14.68
N ARG B 209 5.30 2.47 -13.94
CA ARG B 209 4.43 1.32 -13.72
C ARG B 209 3.11 1.75 -13.08
N VAL B 210 3.17 2.54 -12.00
CA VAL B 210 1.94 3.09 -11.39
C VAL B 210 1.04 3.75 -12.44
N LYS B 211 1.64 4.63 -13.24
CA LYS B 211 0.89 5.38 -14.25
C LYS B 211 0.21 4.48 -15.29
N THR B 212 0.88 3.41 -15.70
CA THR B 212 0.31 2.52 -16.72
C THR B 212 -0.80 1.64 -16.15
N CYS B 213 -0.91 1.56 -14.82
CA CYS B 213 -1.93 0.72 -14.17
C CYS B 213 -3.09 1.46 -13.51
N ASN B 214 -3.03 2.78 -13.45
CA ASN B 214 -4.14 3.52 -12.88
C ASN B 214 -5.22 3.70 -13.95
N PRO B 215 -6.45 3.22 -13.66
CA PRO B 215 -7.58 3.40 -14.58
C PRO B 215 -7.86 4.90 -14.82
N PRO B 216 -8.28 5.27 -16.05
CA PRO B 216 -8.57 6.67 -16.36
C PRO B 216 -9.86 7.20 -15.73
N ASP B 217 -10.66 6.32 -15.13
CA ASP B 217 -11.97 6.68 -14.66
C ASP B 217 -12.16 6.49 -13.15
N ALA B 218 -11.06 6.41 -12.43
CA ALA B 218 -11.11 6.15 -11.00
C ALA B 218 -11.15 7.48 -10.21
N GLY B 219 -11.40 7.42 -8.90
CA GLY B 219 -11.32 8.59 -8.05
C GLY B 219 -9.86 8.91 -7.75
N PRO B 220 -9.59 9.80 -6.79
CA PRO B 220 -8.19 10.19 -6.57
C PRO B 220 -7.29 9.00 -6.19
N MET B 221 -6.04 9.06 -6.67
CA MET B 221 -4.96 8.14 -6.29
C MET B 221 -4.54 8.42 -4.85
N VAL B 222 -4.58 7.39 -4.00
CA VAL B 222 -4.17 7.56 -2.62
C VAL B 222 -2.66 7.39 -2.55
N VAL B 223 -1.97 8.34 -1.97
CA VAL B 223 -0.51 8.25 -1.78
C VAL B 223 -0.19 8.40 -0.30
N HIS B 224 0.63 7.49 0.26
CA HIS B 224 0.99 7.56 1.67
C HIS B 224 2.40 7.09 1.98
N CYS B 225 2.98 7.65 3.04
CA CYS B 225 4.28 7.19 3.54
C CYS B 225 4.01 7.05 5.03
N SER B 226 4.85 7.62 5.87
CA SER B 226 4.60 7.55 7.30
C SER B 226 3.66 8.68 7.74
N ALA B 227 4.10 9.92 7.60
CA ALA B 227 3.28 11.07 7.95
C ALA B 227 2.48 11.61 6.74
N GLY B 228 2.75 11.11 5.54
CA GLY B 228 2.01 11.56 4.34
C GLY B 228 2.38 12.96 3.83
N VAL B 229 3.64 13.39 4.08
CA VAL B 229 4.09 14.72 3.61
C VAL B 229 5.47 14.79 2.86
N GLY B 230 6.39 13.88 3.18
CA GLY B 230 7.74 13.90 2.60
C GLY B 230 7.82 13.15 1.30
N ARG B 231 8.03 11.83 1.36
CA ARG B 231 8.09 11.04 0.14
C ARG B 231 6.77 11.10 -0.65
N THR B 232 5.67 11.23 0.07
CA THR B 232 4.35 11.43 -0.56
C THR B 232 4.37 12.68 -1.46
N GLY B 233 4.97 13.77 -0.96
CA GLY B 233 5.09 15.00 -1.74
C GLY B 233 5.99 14.80 -2.94
N CYS B 234 7.10 14.09 -2.74
CA CYS B 234 8.00 13.81 -3.88
C CYS B 234 7.27 13.05 -4.98
N PHE B 235 6.52 12.03 -4.60
CA PHE B 235 5.81 11.21 -5.59
C PHE B 235 4.90 12.13 -6.40
N ILE B 236 4.11 12.93 -5.69
CA ILE B 236 3.06 13.78 -6.33
C ILE B 236 3.64 14.87 -7.22
N VAL B 237 4.64 15.59 -6.71
CA VAL B 237 5.28 16.63 -7.53
C VAL B 237 5.96 16.07 -8.78
N ILE B 238 6.70 14.98 -8.63
CA ILE B 238 7.38 14.42 -9.79
C ILE B 238 6.37 13.96 -10.84
N ASP B 239 5.36 13.20 -10.42
CA ASP B 239 4.32 12.79 -11.34
C ASP B 239 3.74 13.98 -12.10
N ALA B 240 3.36 15.02 -11.37
CA ALA B 240 2.77 16.22 -11.98
C ALA B 240 3.71 16.96 -12.93
N MET B 241 4.99 17.04 -12.55
CA MET B 241 5.96 17.77 -13.33
C MET B 241 6.33 17.05 -14.61
N LEU B 242 6.36 15.72 -14.55
CA LEU B 242 6.55 14.89 -15.72
C LEU B 242 5.45 15.12 -16.77
N GLU B 243 4.19 15.21 -16.32
CA GLU B 243 3.07 15.55 -17.20
C GLU B 243 3.19 16.98 -17.76
N ARG B 244 3.67 17.94 -16.96
CA ARG B 244 3.86 19.30 -17.43
C ARG B 244 4.86 19.32 -18.56
N ILE B 245 5.97 18.62 -18.34
CA ILE B 245 7.06 18.51 -19.31
C ILE B 245 6.55 17.96 -20.63
N LYS B 246 5.76 16.90 -20.57
CA LYS B 246 5.09 16.31 -21.74
C LYS B 246 4.27 17.36 -22.51
N HIS B 247 3.41 18.09 -21.80
CA HIS B 247 2.49 19.07 -22.37
C HIS B 247 3.11 20.42 -22.79
N GLU B 248 4.03 20.96 -21.99
CA GLU B 248 4.50 22.34 -22.11
C GLU B 248 5.99 22.52 -22.30
N LYS B 249 6.75 21.45 -22.09
CA LYS B 249 8.24 21.47 -22.13
C LYS B 249 8.87 22.46 -21.17
N THR B 250 8.23 22.62 -20.01
CA THR B 250 8.84 23.42 -18.93
C THR B 250 8.57 22.70 -17.61
N VAL B 251 9.34 23.01 -16.57
CA VAL B 251 8.93 22.66 -15.19
C VAL B 251 8.69 23.93 -14.31
N ASP B 252 7.79 23.83 -13.34
CA ASP B 252 7.72 24.86 -12.29
C ASP B 252 7.53 24.18 -10.98
N ILE B 253 8.61 23.57 -10.53
CA ILE B 253 8.67 22.82 -9.27
C ILE B 253 8.36 23.76 -8.11
N TYR B 254 8.99 24.92 -8.11
CA TYR B 254 8.75 25.94 -7.07
C TYR B 254 7.25 26.30 -6.94
N GLY B 255 6.61 26.62 -8.07
CA GLY B 255 5.19 26.97 -8.07
C GLY B 255 4.33 25.81 -7.60
N HIS B 256 4.69 24.60 -8.02
CA HIS B 256 3.88 23.46 -7.68
C HIS B 256 3.97 23.07 -6.18
N VAL B 257 5.15 23.13 -5.61
CA VAL B 257 5.31 22.83 -4.17
C VAL B 257 4.63 23.93 -3.34
N THR B 258 4.71 25.18 -3.79
CA THR B 258 3.97 26.28 -3.16
C THR B 258 2.45 26.00 -3.15
N LEU B 259 1.94 25.52 -4.29
CA LEU B 259 0.55 25.10 -4.42
C LEU B 259 0.24 23.93 -3.49
N MET B 260 1.07 22.89 -3.51
CA MET B 260 0.88 21.78 -2.56
C MET B 260 0.89 22.18 -1.06
N ARG B 261 1.69 23.17 -0.67
CA ARG B 261 1.73 23.62 0.75
C ARG B 261 0.42 24.30 1.19
N ALA B 262 -0.35 24.76 0.21
CA ALA B 262 -1.70 25.34 0.50
C ALA B 262 -2.70 24.19 0.76
N GLN B 263 -2.37 22.97 0.34
CA GLN B 263 -3.30 21.85 0.53
C GLN B 263 -3.00 20.93 1.70
N ARG B 264 -1.73 20.85 2.10
CA ARG B 264 -1.38 20.00 3.25
C ARG B 264 -0.05 20.50 3.82
N ASN B 265 0.08 20.53 5.14
CA ASN B 265 1.32 21.00 5.75
C ASN B 265 2.55 20.20 5.30
N TYR B 266 3.64 20.93 5.14
CA TYR B 266 5.01 20.42 4.94
C TYR B 266 5.27 19.62 3.69
N MET B 267 4.35 19.61 2.71
CA MET B 267 4.55 18.80 1.49
C MET B 267 5.93 19.10 0.92
N VAL B 268 6.71 18.04 0.76
CA VAL B 268 8.15 18.09 0.45
C VAL B 268 8.82 18.68 1.70
N GLN B 269 9.09 17.79 2.64
CA GLN B 269 9.40 18.10 4.03
C GLN B 269 10.85 18.42 4.30
N THR B 270 11.75 18.01 3.40
CA THR B 270 13.16 18.34 3.57
C THR B 270 13.74 18.98 2.33
N GLU B 271 14.83 19.74 2.52
CA GLU B 271 15.51 20.32 1.39
C GLU B 271 16.10 19.22 0.49
N ASP B 272 16.60 18.14 1.07
CA ASP B 272 17.10 17.04 0.23
C ASP B 272 16.02 16.42 -0.64
N GLN B 273 14.79 16.34 -0.13
CA GLN B 273 13.66 15.92 -0.95
C GLN B 273 13.42 16.87 -2.13
N TYR B 274 13.49 18.17 -1.86
CA TYR B 274 13.30 19.18 -2.90
C TYR B 274 14.37 18.99 -3.99
N ILE B 275 15.61 18.79 -3.56
CA ILE B 275 16.69 18.53 -4.51
C ILE B 275 16.48 17.24 -5.30
N PHE B 276 16.05 16.16 -4.63
CA PHE B 276 15.81 14.89 -5.33
C PHE B 276 14.75 15.00 -6.44
N ILE B 277 13.70 15.79 -6.16
CA ILE B 277 12.70 16.09 -7.18
C ILE B 277 13.33 16.68 -8.44
N HIS B 278 14.23 17.65 -8.27
CA HIS B 278 14.94 18.23 -9.40
C HIS B 278 15.80 17.21 -10.16
N ASP B 279 16.55 16.40 -9.42
CA ASP B 279 17.41 15.33 -9.96
C ASP B 279 16.60 14.31 -10.77
N ALA B 280 15.50 13.84 -10.20
CA ALA B 280 14.58 12.94 -10.92
C ALA B 280 14.10 13.55 -12.23
N LEU B 281 13.66 14.79 -12.19
CA LEU B 281 13.10 15.42 -13.38
C LEU B 281 14.20 15.68 -14.42
N LEU B 282 15.39 16.03 -13.95
CA LEU B 282 16.51 16.19 -14.85
C LEU B 282 16.85 14.87 -15.54
N GLU B 283 16.87 13.77 -14.79
CA GLU B 283 17.12 12.48 -15.39
C GLU B 283 16.05 12.12 -16.43
N ALA B 284 14.80 12.42 -16.12
CA ALA B 284 13.72 12.22 -17.07
C ALA B 284 13.92 13.02 -18.35
N VAL B 285 14.34 14.29 -18.27
CA VAL B 285 14.51 15.06 -19.50
C VAL B 285 15.76 14.60 -20.29
N THR B 286 16.81 14.20 -19.57
CA THR B 286 18.01 13.68 -20.21
C THR B 286 17.87 12.18 -20.41
N CYS B 287 16.84 11.74 -21.12
CA CYS B 287 16.62 10.32 -21.37
C CYS B 287 15.71 10.11 -22.57
N SER C 5 35.37 -22.58 47.44
CA SER C 5 34.96 -21.14 47.48
C SER C 5 33.61 -20.82 46.83
N HIS C 6 33.21 -21.61 45.83
CA HIS C 6 31.88 -21.45 45.25
C HIS C 6 31.14 -22.78 45.44
N PRO C 7 30.79 -23.13 46.70
CA PRO C 7 30.20 -24.44 47.02
C PRO C 7 28.78 -24.54 46.45
N PRO C 8 28.23 -25.77 46.35
CA PRO C 8 26.88 -25.95 45.84
C PRO C 8 25.82 -25.31 46.74
N ILE C 9 24.63 -25.10 46.19
CA ILE C 9 23.58 -24.41 46.92
C ILE C 9 22.39 -25.34 47.10
N PRO C 10 22.03 -25.63 48.38
CA PRO C 10 20.84 -26.43 48.70
C PRO C 10 19.63 -25.70 48.17
N ILE C 11 18.65 -26.41 47.62
CA ILE C 11 17.53 -25.72 46.99
C ILE C 11 16.78 -24.76 47.94
N LEU C 12 16.80 -25.05 49.24
CA LEU C 12 16.08 -24.22 50.22
C LEU C 12 16.74 -22.86 50.52
N GLU C 13 18.05 -22.80 50.27
CA GLU C 13 18.85 -21.57 50.35
C GLU C 13 18.95 -20.78 49.03
N LEU C 14 18.48 -21.40 47.94
CA LEU C 14 18.60 -20.78 46.62
C LEU C 14 18.03 -19.34 46.54
N ALA C 15 16.80 -19.13 47.03
CA ALA C 15 16.19 -17.78 47.00
C ALA C 15 17.04 -16.71 47.69
N ASP C 16 17.58 -17.04 48.87
CA ASP C 16 18.35 -16.08 49.64
C ASP C 16 19.69 -15.83 48.97
N HIS C 17 20.27 -16.88 48.40
CA HIS C 17 21.53 -16.79 47.65
C HIS C 17 21.38 -15.82 46.50
N ILE C 18 20.28 -15.96 45.77
CA ILE C 18 20.01 -15.12 44.61
C ILE C 18 19.83 -13.66 45.06
N GLU C 19 18.94 -13.45 46.02
CA GLU C 19 18.78 -12.12 46.64
C GLU C 19 20.13 -11.49 47.08
N ARG C 20 21.03 -12.28 47.66
CA ARG C 20 22.40 -11.79 47.98
C ARG C 20 23.22 -11.39 46.73
N LEU C 21 23.06 -12.15 45.65
CA LEU C 21 23.75 -11.83 44.42
C LEU C 21 23.08 -10.63 43.75
N LYS C 22 21.77 -10.55 43.87
CA LYS C 22 21.00 -9.47 43.27
C LYS C 22 21.14 -8.09 43.97
N ALA C 23 21.68 -8.09 45.19
CA ALA C 23 21.74 -6.88 46.03
C ALA C 23 22.73 -5.85 45.53
N ASN C 24 22.41 -4.56 45.76
CA ASN C 24 23.27 -3.43 45.34
C ASN C 24 23.48 -3.37 43.81
N ASP C 25 22.38 -3.41 43.07
CA ASP C 25 22.39 -3.52 41.59
C ASP C 25 23.28 -4.68 41.11
N ASN C 26 22.87 -5.91 41.44
CA ASN C 26 23.52 -7.17 41.01
C ASN C 26 25.05 -7.17 41.22
N LEU C 27 25.49 -6.51 42.29
CA LEU C 27 26.91 -6.32 42.52
C LEU C 27 27.69 -7.63 42.57
N LYS C 28 27.18 -8.60 43.33
CA LYS C 28 27.94 -9.84 43.53
C LYS C 28 27.72 -10.81 42.37
N PHE C 29 26.56 -10.71 41.74
CA PHE C 29 26.29 -11.39 40.47
C PHE C 29 27.35 -11.03 39.42
N SER C 30 27.68 -9.73 39.33
CA SER C 30 28.68 -9.26 38.37
C SER C 30 30.05 -9.83 38.69
N GLN C 31 30.40 -9.78 39.98
CA GLN C 31 31.65 -10.37 40.46
C GLN C 31 31.69 -11.88 40.19
N GLU C 32 30.55 -12.55 40.40
CA GLU C 32 30.50 -13.98 40.18
C GLU C 32 30.67 -14.32 38.69
N TYR C 33 29.82 -13.71 37.86
CA TYR C 33 29.85 -13.95 36.42
C TYR C 33 31.22 -13.70 35.80
N GLU C 34 31.84 -12.57 36.15
CA GLU C 34 33.11 -12.20 35.49
C GLU C 34 34.30 -13.03 35.97
N SER C 35 34.15 -13.63 37.15
CA SER C 35 35.16 -14.53 37.70
C SER C 35 35.32 -15.88 36.97
N ILE C 36 34.34 -16.26 36.17
CA ILE C 36 34.28 -17.61 35.59
C ILE C 36 35.47 -17.86 34.68
N ASP C 37 36.25 -18.89 35.00
CA ASP C 37 37.49 -19.19 34.29
C ASP C 37 37.84 -20.67 34.36
N PRO C 38 37.66 -21.40 33.25
CA PRO C 38 38.05 -22.80 33.19
C PRO C 38 39.53 -23.04 33.51
N GLY C 39 40.41 -22.10 33.18
CA GLY C 39 41.82 -22.23 33.54
C GLY C 39 42.50 -23.36 32.80
N GLN C 40 42.12 -23.54 31.54
CA GLN C 40 42.76 -24.47 30.62
C GLN C 40 43.23 -23.70 29.41
N GLN C 41 44.18 -24.28 28.70
CA GLN C 41 44.61 -23.74 27.43
C GLN C 41 43.85 -24.61 26.42
N PHE C 42 43.42 -23.99 25.33
CA PHE C 42 42.73 -24.69 24.26
C PHE C 42 43.47 -24.37 22.98
N THR C 43 43.15 -25.14 21.95
CA THR C 43 43.57 -24.84 20.59
C THR C 43 42.32 -24.82 19.72
N TRP C 44 42.43 -24.21 18.55
CA TRP C 44 41.31 -24.08 17.61
C TRP C 44 41.88 -24.05 16.19
N GLU C 45 42.77 -24.99 15.91
CA GLU C 45 43.43 -25.08 14.60
C GLU C 45 42.44 -25.39 13.49
N HIS C 46 41.51 -26.31 13.73
CA HIS C 46 40.59 -26.68 12.66
C HIS C 46 39.66 -25.56 12.27
N SER C 47 39.14 -24.83 13.26
CA SER C 47 38.29 -23.65 13.02
C SER C 47 38.96 -22.56 12.17
N ASN C 48 40.29 -22.49 12.22
CA ASN C 48 41.06 -21.44 11.56
C ASN C 48 41.70 -21.93 10.25
N LEU C 49 41.52 -23.19 9.87
CA LEU C 49 42.01 -23.62 8.55
C LEU C 49 41.29 -22.80 7.49
N GLU C 50 42.02 -22.40 6.45
CA GLU C 50 41.44 -21.63 5.36
C GLU C 50 40.16 -22.26 4.78
N VAL C 51 40.20 -23.58 4.52
CA VAL C 51 39.00 -24.27 4.04
C VAL C 51 37.81 -24.17 5.01
N ASN C 52 38.06 -23.95 6.31
CA ASN C 52 36.99 -24.01 7.31
C ASN C 52 36.45 -22.66 7.73
N LYS C 53 37.23 -21.61 7.54
CA LYS C 53 36.76 -20.25 7.82
C LYS C 53 35.37 -19.91 7.26
N PRO C 54 35.06 -20.27 5.99
CA PRO C 54 33.69 -19.99 5.56
C PRO C 54 32.61 -20.81 6.25
N LYS C 55 33.00 -21.83 7.01
CA LYS C 55 32.03 -22.68 7.71
C LYS C 55 31.67 -22.12 9.09
N ASN C 56 32.29 -20.99 9.47
CA ASN C 56 31.98 -20.33 10.74
C ASN C 56 31.06 -19.16 10.51
N ARG C 57 29.94 -19.12 11.23
CA ARG C 57 29.02 -18.01 11.10
C ARG C 57 29.67 -16.73 11.63
N TYR C 58 30.32 -16.84 12.80
CA TYR C 58 31.11 -15.73 13.37
C TYR C 58 32.51 -16.24 13.50
N ALA C 59 33.42 -15.57 12.82
CA ALA C 59 34.82 -15.91 12.92
C ALA C 59 35.34 -15.90 14.35
N ASN C 60 34.71 -15.10 15.22
CA ASN C 60 35.11 -14.98 16.62
C ASN C 60 34.42 -15.99 17.56
N VAL C 61 33.59 -16.87 17.01
CA VAL C 61 33.02 -17.97 17.79
C VAL C 61 33.50 -19.25 17.14
N ILE C 62 34.54 -19.83 17.73
CA ILE C 62 35.19 -21.00 17.16
C ILE C 62 34.83 -22.26 17.96
N ALA C 63 35.34 -23.40 17.50
CA ALA C 63 35.12 -24.69 18.14
C ALA C 63 36.48 -25.19 18.65
N TYR C 64 36.66 -25.29 19.95
CA TYR C 64 37.90 -25.85 20.53
C TYR C 64 38.16 -27.25 19.99
N ASP C 65 39.42 -27.51 19.67
CA ASP C 65 39.80 -28.78 19.05
C ASP C 65 39.47 -30.01 19.91
N HIS C 66 39.69 -29.92 21.22
CA HIS C 66 39.53 -31.11 22.06
C HIS C 66 38.08 -31.59 22.19
N SER C 67 37.11 -30.69 22.11
CA SER C 67 35.71 -31.09 22.31
C SER C 67 34.88 -31.00 21.05
N ARG C 68 35.52 -30.74 19.92
CA ARG C 68 34.74 -30.46 18.70
C ARG C 68 34.10 -31.74 18.19
N VAL C 69 32.96 -31.60 17.50
CA VAL C 69 32.31 -32.71 16.86
C VAL C 69 33.00 -32.93 15.51
N LEU C 70 33.33 -34.18 15.18
CA LEU C 70 33.90 -34.46 13.88
C LEU C 70 32.88 -35.10 12.96
N LEU C 71 32.83 -34.65 11.70
CA LEU C 71 32.14 -35.40 10.65
C LEU C 71 33.11 -36.44 10.16
N SER C 72 32.62 -37.58 9.66
CA SER C 72 33.52 -38.51 8.97
C SER C 72 34.12 -37.82 7.75
N ALA C 73 35.43 -38.05 7.52
CA ALA C 73 36.14 -37.42 6.43
C ALA C 73 35.65 -37.97 5.10
N ILE C 74 35.58 -37.10 4.09
CA ILE C 74 35.24 -37.51 2.72
C ILE C 74 36.55 -37.51 1.93
N GLU C 75 36.91 -38.67 1.36
CA GLU C 75 38.20 -38.81 0.67
C GLU C 75 38.37 -37.78 -0.46
N GLY C 76 39.51 -37.12 -0.52
CA GLY C 76 39.73 -36.12 -1.55
C GLY C 76 39.12 -34.75 -1.27
N ILE C 77 38.50 -34.59 -0.09
CA ILE C 77 37.96 -33.28 0.30
C ILE C 77 38.60 -32.79 1.61
N PRO C 78 39.67 -31.95 1.51
CA PRO C 78 40.30 -31.36 2.71
C PRO C 78 39.26 -30.58 3.55
N GLY C 79 39.32 -30.74 4.86
CA GLY C 79 38.48 -30.00 5.78
C GLY C 79 37.10 -30.60 5.97
N SER C 80 36.84 -31.73 5.32
CA SER C 80 35.47 -32.28 5.34
C SER C 80 35.09 -32.90 6.69
N ASP C 81 36.02 -33.02 7.63
CA ASP C 81 35.64 -33.45 8.98
C ASP C 81 35.06 -32.31 9.85
N TYR C 82 35.02 -31.09 9.32
CA TYR C 82 34.76 -29.92 10.19
C TYR C 82 33.32 -29.44 10.28
N VAL C 83 32.87 -29.25 11.51
CA VAL C 83 31.66 -28.49 11.80
C VAL C 83 31.92 -27.58 13.04
N ASN C 84 31.32 -26.39 13.05
CA ASN C 84 31.44 -25.50 14.21
C ASN C 84 30.45 -25.93 15.31
N ALA C 85 30.87 -26.88 16.14
CA ALA C 85 30.00 -27.55 17.08
C ALA C 85 30.89 -28.21 18.10
N ASN C 86 30.49 -28.19 19.38
CA ASN C 86 31.24 -28.91 20.40
C ASN C 86 30.30 -29.81 21.21
N TYR C 87 30.80 -30.93 21.69
CA TYR C 87 30.04 -31.75 22.67
C TYR C 87 30.06 -31.04 24.00
N ILE C 88 28.97 -31.09 24.75
CA ILE C 88 28.85 -30.46 26.06
C ILE C 88 28.28 -31.51 27.02
N ASP C 89 28.87 -31.62 28.21
CA ASP C 89 28.38 -32.55 29.24
C ASP C 89 27.07 -32.07 29.86
N GLY C 90 26.28 -33.03 30.33
CA GLY C 90 25.13 -32.75 31.19
C GLY C 90 25.40 -33.23 32.62
N TYR C 91 24.33 -33.42 33.39
CA TYR C 91 24.48 -33.81 34.78
C TYR C 91 24.71 -35.31 34.80
N ARG C 92 25.90 -35.73 35.21
CA ARG C 92 26.20 -37.18 35.19
C ARG C 92 26.04 -37.84 33.81
N LYS C 93 26.23 -37.03 32.74
CA LYS C 93 26.13 -37.49 31.34
C LYS C 93 27.28 -36.85 30.55
N GLN C 94 27.98 -37.69 29.79
CA GLN C 94 29.14 -37.26 29.00
C GLN C 94 28.65 -36.99 27.58
N ASN C 95 29.08 -35.85 27.03
CA ASN C 95 28.71 -35.43 25.68
C ASN C 95 27.22 -35.51 25.45
N ALA C 96 26.43 -35.10 26.43
CA ALA C 96 24.99 -35.27 26.37
C ALA C 96 24.34 -34.38 25.32
N TYR C 97 25.00 -33.27 24.97
CA TYR C 97 24.49 -32.31 23.98
C TYR C 97 25.57 -31.93 22.99
N ILE C 98 25.15 -31.38 21.86
CA ILE C 98 26.04 -30.75 20.92
C ILE C 98 25.55 -29.31 20.81
N ALA C 99 26.43 -28.38 21.13
CA ALA C 99 26.13 -26.95 20.98
C ALA C 99 26.73 -26.52 19.67
N THR C 100 25.92 -25.87 18.85
CA THR C 100 26.41 -25.52 17.52
C THR C 100 25.77 -24.21 17.05
N GLN C 101 26.42 -23.51 16.12
CA GLN C 101 25.81 -22.34 15.46
C GLN C 101 24.61 -22.76 14.58
N GLY C 102 23.77 -21.80 14.25
CA GLY C 102 22.73 -21.97 13.23
C GLY C 102 23.50 -22.15 11.94
N SER C 103 23.20 -23.22 11.20
CA SER C 103 23.98 -23.53 10.00
C SER C 103 23.83 -22.48 8.90
N LEU C 104 24.76 -22.52 7.97
CA LEU C 104 24.81 -21.55 6.87
C LEU C 104 24.47 -22.33 5.60
N PRO C 105 24.02 -21.64 4.53
CA PRO C 105 23.75 -22.31 3.27
C PRO C 105 24.88 -23.26 2.89
N GLU C 106 26.12 -22.86 3.18
CA GLU C 106 27.30 -23.61 2.81
C GLU C 106 27.52 -24.82 3.71
N THR C 107 26.87 -24.81 4.87
CA THR C 107 27.04 -25.92 5.82
C THR C 107 25.72 -26.69 6.11
N PHE C 108 24.63 -26.44 5.37
CA PHE C 108 23.39 -27.19 5.59
C PHE C 108 23.68 -28.69 5.45
N GLY C 109 24.43 -29.06 4.41
CA GLY C 109 24.79 -30.46 4.17
C GLY C 109 25.56 -31.02 5.35
N ASP C 110 26.51 -30.24 5.86
CA ASP C 110 27.32 -30.66 7.01
C ASP C 110 26.46 -30.82 8.26
N PHE C 111 25.54 -29.89 8.48
CA PHE C 111 24.69 -29.93 9.67
C PHE C 111 23.82 -31.21 9.68
N TRP C 112 23.19 -31.54 8.55
CA TRP C 112 22.36 -32.77 8.47
C TRP C 112 23.19 -34.05 8.53
N ARG C 113 24.39 -34.03 7.93
CA ARG C 113 25.31 -35.16 8.05
C ARG C 113 25.74 -35.40 9.52
N MET C 114 26.01 -34.33 10.26
CA MET C 114 26.28 -34.42 11.71
C MET C 114 25.11 -35.07 12.45
N ILE C 115 23.89 -34.59 12.19
CA ILE C 115 22.67 -35.13 12.82
C ILE C 115 22.61 -36.64 12.54
N TRP C 116 22.83 -37.01 11.28
CA TRP C 116 22.84 -38.43 10.86
C TRP C 116 23.92 -39.19 11.62
N GLU C 117 25.17 -38.75 11.47
CA GLU C 117 26.31 -39.49 12.04
C GLU C 117 26.33 -39.56 13.56
N GLN C 118 25.80 -38.52 14.21
CA GLN C 118 25.77 -38.50 15.67
C GLN C 118 24.58 -39.24 16.22
N ARG C 119 23.68 -39.68 15.34
CA ARG C 119 22.49 -40.45 15.75
C ARG C 119 21.58 -39.66 16.68
N SER C 120 21.55 -38.34 16.51
CA SER C 120 20.71 -37.48 17.34
C SER C 120 19.28 -37.63 16.89
N ALA C 121 18.37 -37.65 17.86
CA ALA C 121 16.94 -37.80 17.60
C ALA C 121 16.25 -36.45 17.73
N THR C 122 16.94 -35.48 18.33
CA THR C 122 16.32 -34.23 18.72
C THR C 122 17.24 -33.04 18.42
N VAL C 123 16.69 -32.00 17.79
CA VAL C 123 17.37 -30.74 17.56
C VAL C 123 16.54 -29.65 18.23
N VAL C 124 17.18 -28.81 19.05
CA VAL C 124 16.51 -27.72 19.72
C VAL C 124 17.03 -26.41 19.11
N MET C 125 16.13 -25.61 18.56
CA MET C 125 16.47 -24.32 17.93
C MET C 125 15.97 -23.22 18.87
N MET C 126 16.88 -22.42 19.41
CA MET C 126 16.51 -21.43 20.43
C MET C 126 16.18 -20.04 19.86
N THR C 127 15.73 -19.97 18.62
CA THR C 127 15.58 -18.71 17.95
C THR C 127 14.54 -18.77 16.85
N LYS C 128 13.99 -17.62 16.49
CA LYS C 128 13.26 -17.48 15.24
C LYS C 128 14.29 -17.22 14.17
N LEU C 129 13.94 -17.48 12.92
CA LEU C 129 14.83 -17.19 11.79
C LEU C 129 15.16 -15.71 11.74
N GLU C 130 14.15 -14.88 11.98
CA GLU C 130 14.30 -13.42 11.96
C GLU C 130 13.69 -12.80 13.20
N GLU C 131 14.41 -11.85 13.79
CA GLU C 131 13.92 -11.12 14.96
C GLU C 131 14.31 -9.66 14.81
N ARG C 132 13.34 -8.77 15.00
CA ARG C 132 13.62 -7.31 15.04
C ARG C 132 14.33 -6.90 13.75
N SER C 133 13.73 -7.27 12.61
CA SER C 133 14.28 -7.03 11.27
C SER C 133 15.74 -7.52 11.07
N ARG C 134 16.23 -8.29 12.05
CA ARG C 134 17.57 -8.87 12.00
C ARG C 134 17.43 -10.40 11.83
N VAL C 135 18.15 -10.91 10.84
CA VAL C 135 18.18 -12.34 10.55
C VAL C 135 19.13 -13.01 11.53
N LYS C 136 18.61 -13.99 12.26
CA LYS C 136 19.37 -14.67 13.32
C LYS C 136 20.02 -15.93 12.79
N CYS C 137 19.34 -16.64 11.89
CA CYS C 137 19.93 -17.77 11.22
C CYS C 137 19.19 -18.11 9.94
N ASP C 138 19.68 -19.15 9.26
CA ASP C 138 19.20 -19.50 7.93
C ASP C 138 18.37 -20.77 8.04
N GLN C 139 17.39 -20.90 7.15
CA GLN C 139 16.47 -22.03 7.21
C GLN C 139 17.08 -23.21 6.53
N TYR C 140 17.40 -24.23 7.33
CA TYR C 140 18.15 -25.37 6.86
C TYR C 140 17.25 -26.59 6.58
N TRP C 141 15.94 -26.42 6.80
CA TRP C 141 14.97 -27.48 6.64
C TRP C 141 13.90 -27.08 5.59
N PRO C 142 13.30 -28.08 4.90
CA PRO C 142 12.28 -27.82 3.89
C PRO C 142 10.99 -27.30 4.52
N SER C 143 10.43 -26.25 3.91
CA SER C 143 9.13 -25.72 4.32
C SER C 143 8.02 -26.69 3.96
N ARG C 144 8.24 -27.45 2.90
CA ARG C 144 7.30 -28.48 2.48
C ARG C 144 8.04 -29.54 1.68
N GLY C 145 7.70 -30.82 1.89
CA GLY C 145 8.25 -31.89 1.06
C GLY C 145 9.71 -32.18 1.43
N THR C 146 10.51 -32.46 0.39
CA THR C 146 11.83 -33.05 0.52
C THR C 146 12.88 -32.18 -0.13
N GLU C 147 14.01 -31.99 0.56
CA GLU C 147 15.16 -31.31 -0.02
C GLU C 147 16.42 -32.11 0.29
N THR C 148 17.35 -32.14 -0.66
CA THR C 148 18.66 -32.75 -0.40
C THR C 148 19.67 -31.67 0.03
N HIS C 149 20.41 -31.93 1.11
CA HIS C 149 21.52 -31.08 1.54
C HIS C 149 22.77 -31.96 1.61
N GLY C 150 23.67 -31.77 0.66
CA GLY C 150 24.86 -32.56 0.56
C GLY C 150 24.48 -34.00 0.29
N LEU C 151 24.80 -34.86 1.25
CA LEU C 151 24.57 -36.30 1.13
C LEU C 151 23.28 -36.77 1.76
N VAL C 152 22.56 -35.84 2.39
CA VAL C 152 21.42 -36.23 3.21
C VAL C 152 20.14 -35.67 2.60
N GLN C 153 19.18 -36.56 2.36
CA GLN C 153 17.85 -36.15 1.96
C GLN C 153 16.93 -35.94 3.17
N VAL C 154 16.28 -34.78 3.22
CA VAL C 154 15.46 -34.36 4.36
C VAL C 154 14.02 -34.15 3.94
N THR C 155 13.10 -34.89 4.56
CA THR C 155 11.65 -34.77 4.28
C THR C 155 10.90 -34.24 5.49
N LEU C 156 10.14 -33.17 5.29
CA LEU C 156 9.23 -32.69 6.33
C LEU C 156 8.01 -33.62 6.45
N LEU C 157 7.89 -34.28 7.60
CA LEU C 157 6.80 -35.20 7.83
C LEU C 157 5.57 -34.57 8.44
N ASP C 158 5.77 -33.63 9.35
CA ASP C 158 4.74 -33.12 10.23
C ASP C 158 5.21 -31.84 10.90
N THR C 159 4.28 -30.94 11.18
CA THR C 159 4.52 -29.70 11.92
C THR C 159 3.41 -29.47 12.92
N VAL C 160 3.75 -29.07 14.14
CA VAL C 160 2.76 -28.64 15.12
C VAL C 160 3.20 -27.27 15.64
N GLU C 161 2.39 -26.24 15.38
CA GLU C 161 2.68 -24.90 15.91
C GLU C 161 1.87 -24.68 17.17
N LEU C 162 2.57 -24.34 18.24
CA LEU C 162 1.94 -23.93 19.45
C LEU C 162 2.28 -22.48 19.70
N ALA C 163 1.74 -21.93 20.78
CA ALA C 163 1.85 -20.52 21.09
C ALA C 163 3.29 -20.06 21.20
N THR C 164 4.10 -20.83 21.94
CA THR C 164 5.48 -20.44 22.28
C THR C 164 6.57 -21.32 21.60
N TYR C 165 6.16 -22.33 20.85
CA TYR C 165 7.10 -23.19 20.13
C TYR C 165 6.49 -23.97 18.98
N CYS C 166 7.38 -24.49 18.13
CA CYS C 166 7.01 -25.31 17.00
CA CYS C 166 6.99 -25.35 17.00
C CYS C 166 7.75 -26.67 17.06
N VAL C 167 7.08 -27.74 16.64
CA VAL C 167 7.70 -29.07 16.53
C VAL C 167 7.60 -29.56 15.10
N ARG C 168 8.74 -29.84 14.47
CA ARG C 168 8.75 -30.42 13.14
C ARG C 168 9.39 -31.80 13.18
N THR C 169 8.84 -32.73 12.41
CA THR C 169 9.38 -34.10 12.37
C THR C 169 9.93 -34.35 10.98
N PHE C 170 11.15 -34.90 10.90
CA PHE C 170 11.77 -35.16 9.61
C PHE C 170 12.18 -36.61 9.43
N ALA C 171 12.10 -37.08 8.18
CA ALA C 171 12.73 -38.34 7.78
C ALA C 171 14.00 -38.00 7.06
N LEU C 172 15.06 -38.73 7.38
CA LEU C 172 16.36 -38.56 6.76
C LEU C 172 16.79 -39.83 6.04
N TYR C 173 17.45 -39.67 4.88
CA TYR C 173 18.10 -40.77 4.18
C TYR C 173 19.43 -40.26 3.69
N LYS C 174 20.48 -41.07 3.82
CA LYS C 174 21.81 -40.67 3.38
C LYS C 174 22.15 -41.34 2.02
N ASN C 175 22.84 -40.62 1.15
CA ASN C 175 23.11 -41.13 -0.20
C ASN C 175 23.84 -42.48 -0.14
N GLY C 176 23.28 -43.48 -0.81
CA GLY C 176 23.93 -44.78 -0.89
C GLY C 176 23.55 -45.77 0.18
N SER C 177 22.54 -45.41 0.98
CA SER C 177 21.98 -46.30 1.99
C SER C 177 20.45 -46.18 2.04
N SER C 178 19.79 -47.32 2.28
CA SER C 178 18.34 -47.34 2.46
C SER C 178 17.90 -47.24 3.94
N GLU C 179 18.86 -47.03 4.85
CA GLU C 179 18.51 -46.77 6.24
C GLU C 179 17.68 -45.48 6.36
N LYS C 180 16.61 -45.52 7.15
CA LYS C 180 15.93 -44.28 7.52
C LYS C 180 16.22 -43.89 8.97
N ARG C 181 16.35 -42.58 9.19
CA ARG C 181 16.42 -42.01 10.53
C ARG C 181 15.34 -40.93 10.62
N GLU C 182 14.72 -40.77 11.78
CA GLU C 182 13.74 -39.71 11.95
C GLU C 182 14.22 -38.75 13.03
N VAL C 183 14.04 -37.44 12.83
CA VAL C 183 14.51 -36.48 13.80
C VAL C 183 13.37 -35.51 14.12
N ARG C 184 13.25 -35.08 15.39
CA ARG C 184 12.40 -33.93 15.61
C ARG C 184 13.10 -32.66 16.08
N GLN C 185 12.61 -31.57 15.51
CA GLN C 185 13.10 -30.25 15.78
C GLN C 185 12.09 -29.54 16.69
N PHE C 186 12.58 -29.05 17.83
CA PHE C 186 11.79 -28.26 18.76
C PHE C 186 12.32 -26.84 18.68
N GLN C 187 11.52 -25.96 18.07
CA GLN C 187 11.93 -24.57 17.88
C GLN C 187 11.23 -23.65 18.90
N PHE C 188 11.99 -23.08 19.83
CA PHE C 188 11.40 -22.18 20.80
C PHE C 188 11.26 -20.84 20.10
N THR C 189 10.07 -20.27 20.13
CA THR C 189 9.77 -19.04 19.39
C THR C 189 9.45 -17.83 20.28
N ALA C 190 9.43 -18.04 21.61
CA ALA C 190 9.05 -17.00 22.56
C ALA C 190 10.19 -16.32 23.32
N TRP C 191 11.44 -16.41 22.84
CA TRP C 191 12.52 -15.64 23.46
C TRP C 191 12.36 -14.25 22.90
N PRO C 192 12.48 -13.21 23.75
CA PRO C 192 12.30 -11.83 23.24
C PRO C 192 13.41 -11.34 22.27
N ASP C 193 13.04 -10.36 21.45
CA ASP C 193 13.97 -9.72 20.51
C ASP C 193 15.15 -9.03 21.16
N HIS C 194 14.99 -8.64 22.42
CA HIS C 194 16.14 -8.14 23.18
C HIS C 194 16.08 -8.58 24.64
N GLY C 195 17.25 -8.79 25.22
CA GLY C 195 17.36 -9.32 26.57
C GLY C 195 16.81 -10.74 26.73
N VAL C 196 16.45 -11.07 27.97
CA VAL C 196 16.01 -12.42 28.33
C VAL C 196 14.51 -12.39 28.62
N PRO C 197 13.83 -13.57 28.58
CA PRO C 197 12.38 -13.58 28.78
C PRO C 197 12.00 -12.96 30.12
N GLU C 198 10.92 -12.19 30.11
CA GLU C 198 10.44 -11.53 31.34
C GLU C 198 10.18 -12.58 32.44
N HIS C 199 9.56 -13.69 32.04
CA HIS C 199 9.30 -14.82 32.94
C HIS C 199 9.83 -16.13 32.36
N PRO C 200 10.37 -17.01 33.23
CA PRO C 200 10.94 -18.32 32.89
C PRO C 200 9.90 -19.40 32.60
N THR C 201 8.64 -19.09 32.85
CA THR C 201 7.57 -20.08 32.73
C THR C 201 7.46 -20.74 31.34
N PRO C 202 7.29 -19.94 30.25
CA PRO C 202 7.12 -20.59 28.94
C PRO C 202 8.35 -21.40 28.52
N PHE C 203 9.54 -20.89 28.81
CA PHE C 203 10.77 -21.63 28.55
C PHE C 203 10.78 -22.98 29.28
N LEU C 204 10.45 -22.93 30.58
CA LEU C 204 10.44 -24.16 31.43
C LEU C 204 9.44 -25.20 30.94
N ALA C 205 8.29 -24.75 30.45
CA ALA C 205 7.37 -25.67 29.80
C ALA C 205 7.94 -26.26 28.49
N PHE C 206 8.71 -25.46 27.75
CA PHE C 206 9.24 -25.89 26.47
C PHE C 206 10.22 -27.00 26.78
N LEU C 207 11.09 -26.74 27.76
CA LEU C 207 12.10 -27.67 28.17
C LEU C 207 11.47 -29.00 28.66
N ARG C 208 10.40 -28.93 29.46
CA ARG C 208 9.72 -30.17 29.87
C ARG C 208 9.27 -31.00 28.65
N ARG C 209 8.64 -30.34 27.70
CA ARG C 209 8.24 -30.98 26.47
C ARG C 209 9.43 -31.64 25.70
N VAL C 210 10.55 -30.94 25.58
CA VAL C 210 11.69 -31.50 24.83
C VAL C 210 12.19 -32.79 25.50
N LYS C 211 12.32 -32.72 26.82
CA LYS C 211 12.75 -33.85 27.63
C LYS C 211 11.82 -35.07 27.55
N THR C 212 10.50 -34.84 27.53
CA THR C 212 9.60 -35.99 27.44
C THR C 212 9.73 -36.65 26.08
N CYS C 213 10.12 -35.89 25.07
CA CYS C 213 10.20 -36.39 23.70
C CYS C 213 11.53 -37.00 23.29
N ASN C 214 12.61 -36.68 24.02
CA ASN C 214 13.91 -37.21 23.61
C ASN C 214 14.09 -38.65 24.10
N PRO C 215 14.33 -39.60 23.16
CA PRO C 215 14.50 -41.03 23.51
C PRO C 215 15.66 -41.26 24.48
N PRO C 216 15.55 -42.27 25.36
CA PRO C 216 16.62 -42.52 26.32
C PRO C 216 17.85 -43.18 25.67
N ASP C 217 17.69 -43.66 24.44
CA ASP C 217 18.73 -44.42 23.76
C ASP C 217 19.24 -43.73 22.48
N ALA C 218 19.23 -42.41 22.45
CA ALA C 218 19.63 -41.65 21.26
C ALA C 218 21.01 -41.02 21.43
N GLY C 219 21.55 -40.49 20.32
CA GLY C 219 22.79 -39.74 20.38
C GLY C 219 22.54 -38.39 21.05
N PRO C 220 23.59 -37.54 21.09
CA PRO C 220 23.48 -36.24 21.75
C PRO C 220 22.35 -35.36 21.18
N MET C 221 21.69 -34.61 22.06
CA MET C 221 20.70 -33.59 21.70
C MET C 221 21.45 -32.42 21.06
N VAL C 222 21.08 -32.03 19.86
CA VAL C 222 21.74 -30.94 19.19
C VAL C 222 21.03 -29.63 19.59
N VAL C 223 21.74 -28.66 20.12
CA VAL C 223 21.08 -27.42 20.50
C VAL C 223 21.73 -26.30 19.73
N HIS C 224 20.93 -25.45 19.07
CA HIS C 224 21.52 -24.31 18.37
C HIS C 224 20.72 -23.03 18.53
N CYS C 225 21.40 -21.90 18.37
CA CYS C 225 20.73 -20.62 18.25
C CYS C 225 21.38 -19.93 17.05
N SER C 226 21.95 -18.76 17.28
CA SER C 226 22.67 -18.05 16.22
C SER C 226 24.17 -18.43 16.24
N ALA C 227 24.87 -18.12 17.34
CA ALA C 227 26.27 -18.53 17.49
C ALA C 227 26.46 -19.86 18.24
N GLY C 228 25.41 -20.36 18.86
CA GLY C 228 25.47 -21.57 19.65
C GLY C 228 26.18 -21.43 20.98
N VAL C 229 26.08 -20.26 21.61
CA VAL C 229 26.76 -20.01 22.87
C VAL C 229 25.85 -19.35 23.91
N GLY C 230 24.95 -18.48 23.45
CA GLY C 230 24.08 -17.69 24.35
C GLY C 230 22.85 -18.43 24.81
N ARG C 231 21.76 -18.32 24.06
CA ARG C 231 20.52 -19.06 24.39
C ARG C 231 20.77 -20.57 24.45
N THR C 232 21.68 -21.04 23.61
CA THR C 232 22.06 -22.45 23.63
C THR C 232 22.62 -22.83 24.99
N GLY C 233 23.44 -21.94 25.55
CA GLY C 233 24.07 -22.16 26.82
C GLY C 233 23.03 -22.20 27.92
N CYS C 234 22.06 -21.29 27.87
CA CYS C 234 20.96 -21.28 28.83
C CYS C 234 20.16 -22.59 28.89
N PHE C 235 19.70 -23.10 27.74
CA PHE C 235 18.95 -24.36 27.65
C PHE C 235 19.72 -25.49 28.29
N ILE C 236 21.01 -25.58 27.99
CA ILE C 236 21.85 -26.71 28.42
C ILE C 236 22.11 -26.65 29.92
N VAL C 237 22.39 -25.45 30.43
CA VAL C 237 22.69 -25.34 31.85
C VAL C 237 21.44 -25.57 32.66
N ILE C 238 20.31 -25.03 32.22
CA ILE C 238 19.07 -25.19 32.95
C ILE C 238 18.62 -26.65 32.92
N ASP C 239 18.65 -27.29 31.76
CA ASP C 239 18.35 -28.72 31.68
C ASP C 239 19.18 -29.51 32.69
N ALA C 240 20.48 -29.32 32.70
CA ALA C 240 21.38 -30.07 33.60
C ALA C 240 21.07 -29.83 35.07
N MET C 241 20.93 -28.56 35.45
CA MET C 241 20.71 -28.20 36.84
C MET C 241 19.41 -28.72 37.41
N LEU C 242 18.37 -28.70 36.60
CA LEU C 242 17.11 -29.37 36.88
C LEU C 242 17.30 -30.85 37.23
N GLU C 243 18.05 -31.57 36.37
CA GLU C 243 18.37 -32.98 36.62
C GLU C 243 19.15 -33.17 37.93
N ARG C 244 20.06 -32.26 38.22
CA ARG C 244 20.83 -32.27 39.46
C ARG C 244 19.88 -32.09 40.66
N ILE C 245 18.98 -31.11 40.58
CA ILE C 245 17.98 -30.83 41.62
C ILE C 245 17.19 -32.06 41.99
N LYS C 246 16.65 -32.74 40.97
CA LYS C 246 15.85 -33.94 41.12
C LYS C 246 16.62 -35.08 41.80
N HIS C 247 17.93 -35.13 41.62
CA HIS C 247 18.71 -36.24 42.16
C HIS C 247 19.44 -35.90 43.46
N GLU C 248 19.73 -34.63 43.67
CA GLU C 248 20.67 -34.24 44.71
C GLU C 248 20.17 -33.06 45.55
N LYS C 249 19.12 -32.40 45.11
CA LYS C 249 18.56 -31.22 45.79
C LYS C 249 19.54 -30.06 45.99
N THR C 250 20.54 -29.98 45.11
CA THR C 250 21.48 -28.83 45.06
C THR C 250 21.65 -28.31 43.65
N VAL C 251 22.21 -27.11 43.55
CA VAL C 251 22.60 -26.48 42.28
C VAL C 251 23.98 -25.87 42.45
N ASP C 252 24.88 -26.20 41.51
CA ASP C 252 26.15 -25.53 41.34
C ASP C 252 26.15 -24.97 39.91
N ILE C 253 25.38 -23.90 39.72
CA ILE C 253 25.35 -23.18 38.46
C ILE C 253 26.73 -22.66 38.12
N TYR C 254 27.44 -22.12 39.13
CA TYR C 254 28.77 -21.55 38.89
C TYR C 254 29.70 -22.63 38.34
N GLY C 255 29.61 -23.82 38.94
CA GLY C 255 30.49 -24.94 38.60
C GLY C 255 30.20 -25.48 37.21
N HIS C 256 28.90 -25.65 36.90
CA HIS C 256 28.52 -26.15 35.57
C HIS C 256 28.88 -25.17 34.44
N VAL C 257 28.66 -23.88 34.64
CA VAL C 257 29.04 -22.89 33.63
C VAL C 257 30.55 -22.91 33.37
N THR C 258 31.35 -22.93 34.44
CA THR C 258 32.79 -23.10 34.32
C THR C 258 33.19 -24.35 33.48
N LEU C 259 32.52 -25.48 33.74
CA LEU C 259 32.75 -26.70 32.98
C LEU C 259 32.38 -26.52 31.49
N MET C 260 31.28 -25.80 31.22
CA MET C 260 30.84 -25.56 29.83
C MET C 260 31.84 -24.74 29.08
N ARG C 261 32.44 -23.77 29.75
CA ARG C 261 33.45 -22.88 29.14
C ARG C 261 34.71 -23.62 28.75
N ALA C 262 34.93 -24.80 29.32
CA ALA C 262 36.08 -25.62 28.93
C ALA C 262 35.77 -26.46 27.69
N GLN C 263 34.49 -26.56 27.33
CA GLN C 263 34.07 -27.30 26.15
C GLN C 263 33.69 -26.44 24.92
N ARG C 264 33.18 -25.22 25.14
CA ARG C 264 32.92 -24.29 24.02
C ARG C 264 33.07 -22.84 24.46
N ASN C 265 33.67 -22.00 23.63
CA ASN C 265 33.84 -20.60 24.01
C ASN C 265 32.53 -19.92 24.37
N TYR C 266 32.58 -19.11 25.42
CA TYR C 266 31.51 -18.10 25.75
C TYR C 266 30.16 -18.66 26.16
N MET C 267 30.07 -19.95 26.50
CA MET C 267 28.77 -20.54 26.83
C MET C 267 28.17 -19.69 27.95
N VAL C 268 26.93 -19.24 27.76
CA VAL C 268 26.29 -18.19 28.61
C VAL C 268 27.05 -16.90 28.38
N GLN C 269 26.60 -16.19 27.35
CA GLN C 269 27.43 -15.18 26.71
C GLN C 269 27.28 -13.82 27.39
N THR C 270 26.16 -13.65 28.10
CA THR C 270 25.90 -12.41 28.84
C THR C 270 25.55 -12.62 30.33
N GLU C 271 25.70 -11.55 31.11
CA GLU C 271 25.38 -11.61 32.53
C GLU C 271 23.89 -11.79 32.74
N ASP C 272 23.06 -11.12 31.94
CA ASP C 272 21.62 -11.27 32.04
C ASP C 272 21.18 -12.71 31.81
N GLN C 273 21.90 -13.43 30.94
CA GLN C 273 21.66 -14.85 30.71
C GLN C 273 22.02 -15.63 31.95
N TYR C 274 23.18 -15.35 32.52
CA TYR C 274 23.59 -15.95 33.81
C TYR C 274 22.49 -15.76 34.87
N ILE C 275 21.93 -14.55 34.91
CA ILE C 275 20.87 -14.22 35.87
C ILE C 275 19.56 -14.97 35.56
N PHE C 276 19.19 -15.01 34.27
CA PHE C 276 18.00 -15.73 33.86
C PHE C 276 18.03 -17.20 34.24
N ILE C 277 19.19 -17.82 34.07
CA ILE C 277 19.36 -19.21 34.53
C ILE C 277 19.01 -19.37 36.04
N HIS C 278 19.51 -18.47 36.88
CA HIS C 278 19.16 -18.54 38.32
C HIS C 278 17.66 -18.39 38.53
N ASP C 279 17.08 -17.40 37.86
CA ASP C 279 15.66 -17.13 37.95
C ASP C 279 14.83 -18.31 37.50
N ALA C 280 15.27 -19.01 36.43
CA ALA C 280 14.53 -20.15 35.90
C ALA C 280 14.56 -21.28 36.90
N LEU C 281 15.74 -21.55 37.46
CA LEU C 281 15.88 -22.63 38.40
C LEU C 281 15.13 -22.36 39.71
N LEU C 282 15.09 -21.10 40.13
CA LEU C 282 14.36 -20.69 41.33
C LEU C 282 12.87 -20.92 41.17
N GLU C 283 12.32 -20.50 40.04
CA GLU C 283 10.92 -20.77 39.76
C GLU C 283 10.63 -22.28 39.81
N ALA C 284 11.54 -23.07 39.24
CA ALA C 284 11.37 -24.51 39.20
C ALA C 284 11.32 -25.15 40.58
N VAL C 285 12.20 -24.75 41.49
CA VAL C 285 12.16 -25.30 42.85
C VAL C 285 10.89 -24.85 43.61
N THR C 286 10.55 -23.56 43.50
CA THR C 286 9.34 -23.03 44.15
C THR C 286 8.10 -23.65 43.47
N CYS C 287 8.02 -24.99 43.54
CA CYS C 287 6.97 -25.83 42.95
C CYS C 287 7.08 -27.24 43.54
#